data_8I9L
#
_entry.id   8I9L
#
loop_
_entity.id
_entity.type
_entity.pdbx_description
1 polymer 'Guanine nucleotide-binding protein G(I)/G(S)/G(T) subunit beta-1'
2 polymer 'Guanine nucleotide-binding protein G(o) subunit alpha'
3 polymer 'Guanine nucleotide-binding protein G(I)/G(S)/G(O) subunit gamma-2'
4 polymer 'Antibody fragment - ScFv16'
5 polymer 'C3a anaphylatoxin chemotactic receptor'
6 polymer 'C3a anaphylatoxin'
#
loop_
_entity_poly.entity_id
_entity_poly.type
_entity_poly.pdbx_seq_one_letter_code
_entity_poly.pdbx_strand_id
1 'polypeptide(L)'
;MHHHHHHGSSGSELDQLRQEAEQLKNQIRDARKACADATLSQITNNIDPVGRIQMRTRRTLRGHLAKIYAMHWGTDSRLL
VSASQDGKLIIWDSYTTNKVHAIPLRSSWVMTCAYAPSGNYVACGGLDNICSIYNLKTREGNVRVSRELAGHTGYLSCCR
FLDDNQIVTSSGDTTCALWDIETGQQTTTFTGHTGDVMSLSLAPDTRLFVSGACDASAKLWDVREGMCRQTFTGHESDIN
AICFFPNGNAFATGSDDATCRLFDLRADQELMTYSHDNIICGITSVSFSKSGRLLLAGYDDFNCNVWDALKADRAGVLAG
HDNRVSCLGVTDDGMAVATGSWDSFLKIWN
;
B
2 'polypeptide(L)'
;MGHHHHHHENLYFQGTLSAEERAALERSKAIEKNLKEDGISAAKDVKLLLLGADNSGKSTIVKQMKIIHGGSGGSGGTTG
IVETHFTFKNLHFRLFDVGGQRSERKKWIHCFEDVTAIIFCVDLSDYDQVLHEDETTNRMHESLMLFDSICNNKFFIDTS
IILFLNKKDLFGEKIKKSPLTICFPEYTGPNTYEDAAAYIQAQFESKNRSPNKEIYCHMTCATDTNNAQVIFDAVTDIII
ANNLRGCGLY
;
A
3 'polypeptide(L)' MASNNTASIAQARKLVEQLKMEANIDRIKVSKAAADLMAYCEAHAKEDPLLTPVPASENPFREKKFFCAIL G
4 'polypeptide(L)'
;DVQLVESGGGLVQPGGSRKLSCSASGFAFSSFGMHWVRQAPEKGLEWVAYISSGSGTIYYADTVKGRFTISRDDPKNTLF
LQMTSLRSEDTAMYYCVRSIYYYGSSPFDFWGQGTTLTVSSGGGGSGGGGSGGGGSDIVMTQATSSVPVTPGESVSISCR
SSKSLLHSNGNTYLYWFLQRPGQSPQLLIYRMSNLASGVPDRFSGSGSGTAFTLTISRLEAEDVGVYYCMQHLEYPLTFG
AGTKLELK
;
H
5 'polypeptide(L)'
;MGKTIIALSYIFCLVFADYKDDDDAANFTPVNGSSGNQSVRLVTSSSLEVLFQGPGSASFSAETNSTDLLSQPWNEPPVI
LSMVILSLTFLLGLPGNGLVLWVAGLKMQRTVNTIWFLHLTLADLLCCLSLPFSLAHLALQGQWPYGRFLCKLIPSIIVL
NMFASVFLLTAISLDRCLVVFKPIWCQNHRNVGMACSICGCIWVVAFVMCIPVFVYREIFTTDNHNRCGYKFGLSSSLDY
PDFYGDPLENRSLENIVQPPGEMNDRLDPSSFQTNDHPWTVPTVFQPQTFQRPSADSLPRGSARLTSQNLYSNVFKPADV
VSPKIPSGFPIEDHETSPLDNSDAFLSTHLKLFPSASSNSFYESELPQGFQDYYNLGQFTDDDQVPTPLVAITITRLVVG
FLLPSVIMIACYSFIVFRMQRGRFAKSQSKTFRVAVVVVAVFLVCWTPYHIFGVLSLLTDPETPLGKTLMSWDHVCIALA
SANSCFNPFLYALLGKDFRKKARQSIQGILEAAFSEELTRSTHCPSNNVISERNSTTV
;
C
6 'polypeptide(L)' SVQLTEKRMDKVGKYPKELRKCCEDGMRENPMRFSCQRRTRFISLGEACKKVFLDCCNYITELRRQHARASHLGLAR D
#
# COMPACT_ATOMS: atom_id res chain seq x y z
CA LEU A 14 -14.64 -47.41 -27.59
C LEU A 14 -13.93 -46.93 -28.85
N ASP A 15 -13.46 -47.89 -29.66
CA ASP A 15 -12.78 -47.53 -30.91
C ASP A 15 -13.72 -46.81 -31.86
N GLN A 16 -14.97 -47.28 -31.98
CA GLN A 16 -15.94 -46.60 -32.84
C GLN A 16 -16.23 -45.20 -32.34
N LEU A 17 -16.39 -45.04 -31.03
CA LEU A 17 -16.64 -43.72 -30.46
C LEU A 17 -15.44 -42.79 -30.68
N ARG A 18 -14.23 -43.30 -30.51
CA ARG A 18 -13.04 -42.49 -30.75
C ARG A 18 -12.94 -42.07 -32.21
N GLN A 19 -13.24 -42.98 -33.13
CA GLN A 19 -13.23 -42.64 -34.55
C GLN A 19 -14.29 -41.60 -34.88
N GLU A 20 -15.47 -41.74 -34.28
CA GLU A 20 -16.52 -40.74 -34.49
C GLU A 20 -16.11 -39.38 -33.96
N ALA A 21 -15.48 -39.34 -32.79
CA ALA A 21 -14.98 -38.07 -32.25
C ALA A 21 -13.92 -37.47 -33.16
N GLU A 22 -13.00 -38.29 -33.66
CA GLU A 22 -11.95 -37.78 -34.55
C GLU A 22 -12.54 -37.22 -35.84
N GLN A 23 -13.50 -37.93 -36.44
CA GLN A 23 -14.10 -37.44 -37.68
C GLN A 23 -14.93 -36.19 -37.44
N LEU A 24 -15.61 -36.10 -36.29
CA LEU A 24 -16.35 -34.89 -35.96
C LEU A 24 -15.41 -33.71 -35.78
N LYS A 25 -14.27 -33.92 -35.11
CA LYS A 25 -13.30 -32.85 -34.95
C LYS A 25 -12.73 -32.42 -36.30
N ASN A 26 -12.45 -33.39 -37.18
CA ASN A 26 -11.95 -33.05 -38.51
C ASN A 26 -12.99 -32.25 -39.30
N GLN A 27 -14.26 -32.65 -39.22
CA GLN A 27 -15.32 -31.91 -39.91
C GLN A 27 -15.44 -30.49 -39.36
N ILE A 28 -15.35 -30.34 -38.03
CA ILE A 28 -15.44 -29.02 -37.41
C ILE A 28 -14.28 -28.15 -37.87
N ARG A 29 -13.07 -28.70 -37.89
CA ARG A 29 -11.91 -27.93 -38.34
C ARG A 29 -12.04 -27.53 -39.80
N ASP A 30 -12.52 -28.45 -40.64
CA ASP A 30 -12.70 -28.13 -42.05
C ASP A 30 -13.74 -27.04 -42.24
N ALA A 31 -14.85 -27.11 -41.50
CA ALA A 31 -15.87 -26.07 -41.59
C ALA A 31 -15.34 -24.73 -41.13
N ARG A 32 -14.56 -24.72 -40.05
CA ARG A 32 -13.99 -23.47 -39.56
C ARG A 32 -13.00 -22.87 -40.55
N LYS A 33 -12.17 -23.72 -41.17
CA LYS A 33 -11.19 -23.23 -42.14
C LYS A 33 -11.81 -22.86 -43.48
N ALA A 34 -13.02 -23.37 -43.77
CA ALA A 34 -13.65 -23.04 -45.05
C ALA A 34 -14.18 -21.61 -45.06
N CYS A 35 -14.49 -21.05 -43.89
CA CYS A 35 -15.05 -19.71 -43.79
C CYS A 35 -14.00 -18.63 -43.66
N ALA A 36 -12.71 -18.99 -43.60
CA ALA A 36 -11.63 -18.01 -43.46
C ALA A 36 -11.16 -17.57 -44.85
N ASP A 37 -12.04 -16.85 -45.54
CA ASP A 37 -11.70 -16.34 -46.87
C ASP A 37 -10.57 -15.32 -46.80
N ALA A 38 -10.61 -14.43 -45.81
CA ALA A 38 -9.58 -13.41 -45.65
C ALA A 38 -9.42 -13.09 -44.17
N THR A 39 -8.17 -12.96 -43.73
CA THR A 39 -7.90 -12.70 -42.32
C THR A 39 -8.22 -11.24 -41.98
N LEU A 40 -8.17 -10.93 -40.69
CA LEU A 40 -8.46 -9.58 -40.22
C LEU A 40 -7.45 -8.58 -40.76
N SER A 41 -6.18 -8.97 -40.83
CA SER A 41 -5.13 -8.06 -41.27
C SER A 41 -5.15 -7.79 -42.77
N GLN A 42 -5.84 -8.61 -43.56
CA GLN A 42 -5.92 -8.40 -45.00
C GLN A 42 -7.11 -7.53 -45.41
N ILE A 43 -7.97 -7.16 -44.47
CA ILE A 43 -9.12 -6.31 -44.78
C ILE A 43 -9.09 -4.97 -44.07
N THR A 44 -8.43 -4.86 -42.92
CA THR A 44 -8.33 -3.61 -42.19
C THR A 44 -7.00 -2.90 -42.40
N ASN A 45 -6.20 -3.37 -43.37
CA ASN A 45 -4.87 -2.82 -43.59
C ASN A 45 -4.88 -1.41 -44.19
N ASN A 46 -6.04 -0.91 -44.60
CA ASN A 46 -6.14 0.36 -45.31
C ASN A 46 -6.57 1.51 -44.41
N ILE A 47 -6.54 1.33 -43.09
CA ILE A 47 -6.96 2.37 -42.16
C ILE A 47 -5.74 2.91 -41.42
N ASP A 48 -5.90 4.13 -40.93
CA ASP A 48 -4.81 4.80 -40.20
C ASP A 48 -4.70 4.22 -38.79
N PRO A 49 -3.51 3.82 -38.37
CA PRO A 49 -3.34 3.34 -36.99
C PRO A 49 -3.53 4.47 -35.98
N VAL A 50 -3.92 4.08 -34.77
CA VAL A 50 -4.17 5.05 -33.71
C VAL A 50 -2.90 5.74 -33.23
N GLY A 51 -1.73 5.24 -33.61
CA GLY A 51 -0.48 5.86 -33.22
C GLY A 51 -0.11 5.61 -31.78
N ARG A 52 0.84 6.41 -31.31
CA ARG A 52 1.34 6.29 -29.94
C ARG A 52 0.28 6.78 -28.96
N ILE A 53 -0.31 5.86 -28.21
CA ILE A 53 -1.33 6.19 -27.21
C ILE A 53 -0.59 6.43 -25.90
N GLN A 54 -0.25 7.68 -25.65
CA GLN A 54 0.49 8.06 -24.44
C GLN A 54 -0.51 8.23 -23.29
N MET A 55 -0.55 7.23 -22.42
CA MET A 55 -1.42 7.25 -21.24
C MET A 55 -0.57 7.47 -20.00
N ARG A 56 -0.98 8.42 -19.17
CA ARG A 56 -0.25 8.77 -17.96
C ARG A 56 -1.04 8.35 -16.73
N THR A 57 -0.34 7.93 -15.69
CA THR A 57 -0.96 7.47 -14.45
C THR A 57 -1.59 8.68 -13.76
N ARG A 58 -2.93 8.77 -13.83
CA ARG A 58 -3.63 9.87 -13.17
C ARG A 58 -3.82 9.61 -11.69
N ARG A 59 -4.15 8.38 -11.31
CA ARG A 59 -4.37 8.00 -9.92
C ARG A 59 -3.61 6.71 -9.62
N THR A 60 -3.20 6.58 -8.37
CA THR A 60 -2.53 5.38 -7.88
C THR A 60 -3.13 4.99 -6.55
N LEU A 61 -3.75 3.81 -6.49
CA LEU A 61 -4.41 3.34 -5.27
C LEU A 61 -3.38 2.66 -4.37
N ARG A 62 -2.84 3.43 -3.42
CA ARG A 62 -1.83 2.91 -2.50
C ARG A 62 -2.50 2.51 -1.18
N GLY A 63 -3.31 1.46 -1.25
CA GLY A 63 -4.00 0.97 -0.07
C GLY A 63 -3.72 -0.48 0.26
N HIS A 64 -3.35 -1.26 -0.74
CA HIS A 64 -3.09 -2.68 -0.55
C HIS A 64 -1.65 -2.91 -0.13
N LEU A 65 -1.44 -3.99 0.62
CA LEU A 65 -0.11 -4.35 1.10
C LEU A 65 0.37 -5.70 0.59
N ALA A 66 -0.42 -6.40 -0.22
CA ALA A 66 -0.04 -7.68 -0.79
C ALA A 66 -0.32 -7.66 -2.29
N LYS A 67 0.01 -8.75 -2.96
CA LYS A 67 -0.19 -8.84 -4.40
C LYS A 67 -1.67 -8.71 -4.75
N ILE A 68 -1.96 -7.84 -5.71
CA ILE A 68 -3.33 -7.66 -6.19
C ILE A 68 -3.60 -8.71 -7.26
N TYR A 69 -4.59 -9.56 -7.03
CA TYR A 69 -4.91 -10.63 -7.96
C TYR A 69 -6.19 -10.41 -8.75
N ALA A 70 -7.03 -9.46 -8.35
CA ALA A 70 -8.27 -9.19 -9.07
C ALA A 70 -8.68 -7.75 -8.85
N MET A 71 -9.49 -7.25 -9.79
CA MET A 71 -10.05 -5.91 -9.71
C MET A 71 -11.20 -5.83 -10.70
N HIS A 72 -12.32 -5.24 -10.26
CA HIS A 72 -13.49 -5.10 -11.10
C HIS A 72 -14.03 -3.68 -11.01
N TRP A 73 -14.61 -3.21 -12.11
CA TRP A 73 -15.13 -1.86 -12.21
C TRP A 73 -16.62 -1.84 -11.92
N GLY A 74 -17.07 -0.78 -11.24
CA GLY A 74 -18.48 -0.62 -10.99
C GLY A 74 -19.23 -0.16 -12.23
N THR A 75 -20.55 -0.34 -12.19
CA THR A 75 -21.38 0.07 -13.32
C THR A 75 -21.42 1.57 -13.50
N ASP A 76 -21.09 2.34 -12.46
CA ASP A 76 -21.02 3.79 -12.55
C ASP A 76 -19.67 4.30 -13.00
N SER A 77 -18.71 3.39 -13.24
CA SER A 77 -17.37 3.74 -13.70
C SER A 77 -16.61 4.63 -12.72
N ARG A 78 -17.01 4.63 -11.46
CA ARG A 78 -16.34 5.43 -10.44
C ARG A 78 -15.85 4.59 -9.27
N LEU A 79 -16.58 3.57 -8.87
CA LEU A 79 -16.19 2.69 -7.78
C LEU A 79 -15.55 1.43 -8.33
N LEU A 80 -14.39 1.06 -7.80
CA LEU A 80 -13.68 -0.13 -8.21
C LEU A 80 -13.32 -0.96 -6.97
N VAL A 81 -13.49 -2.26 -7.07
CA VAL A 81 -13.18 -3.19 -5.99
C VAL A 81 -11.90 -3.92 -6.34
N SER A 82 -10.97 -4.00 -5.38
CA SER A 82 -9.69 -4.65 -5.57
C SER A 82 -9.48 -5.69 -4.48
N ALA A 83 -9.09 -6.90 -4.87
CA ALA A 83 -8.87 -8.01 -3.96
C ALA A 83 -7.40 -8.38 -3.97
N SER A 84 -6.81 -8.49 -2.78
CA SER A 84 -5.41 -8.84 -2.62
C SER A 84 -5.29 -9.98 -1.61
N GLN A 85 -4.10 -10.56 -1.54
CA GLN A 85 -3.84 -11.67 -0.63
C GLN A 85 -3.80 -11.27 0.83
N ASP A 86 -3.84 -9.96 1.12
CA ASP A 86 -3.90 -9.50 2.50
C ASP A 86 -5.26 -9.78 3.16
N GLY A 87 -6.16 -10.47 2.48
CA GLY A 87 -7.46 -10.77 3.05
C GLY A 87 -8.45 -9.63 3.01
N LYS A 88 -8.23 -8.63 2.15
CA LYS A 88 -9.08 -7.46 2.09
C LYS A 88 -9.62 -7.27 0.68
N LEU A 89 -10.82 -6.69 0.59
CA LEU A 89 -11.45 -6.32 -0.67
C LEU A 89 -11.88 -4.87 -0.54
N ILE A 90 -10.99 -3.94 -0.91
CA ILE A 90 -11.22 -2.52 -0.73
C ILE A 90 -11.93 -1.97 -1.96
N ILE A 91 -13.03 -1.25 -1.73
CA ILE A 91 -13.75 -0.57 -2.79
C ILE A 91 -13.20 0.85 -2.90
N TRP A 92 -12.73 1.21 -4.09
CA TRP A 92 -12.02 2.46 -4.31
C TRP A 92 -12.91 3.50 -4.96
N ASP A 93 -12.65 4.76 -4.63
CA ASP A 93 -13.24 5.91 -5.32
C ASP A 93 -12.19 6.42 -6.30
N SER A 94 -12.33 6.05 -7.57
CA SER A 94 -11.29 6.33 -8.56
C SER A 94 -11.16 7.82 -8.87
N TYR A 95 -12.19 8.62 -8.62
CA TYR A 95 -12.11 10.05 -8.89
C TYR A 95 -11.29 10.78 -7.84
N THR A 96 -11.35 10.35 -6.58
CA THR A 96 -10.69 11.06 -5.48
C THR A 96 -9.74 10.18 -4.69
N THR A 97 -9.45 8.96 -5.17
CA THR A 97 -8.50 8.01 -4.58
C THR A 97 -9.04 7.46 -3.24
N ASN A 98 -10.16 7.96 -2.76
CA ASN A 98 -10.68 7.55 -1.45
C ASN A 98 -11.13 6.10 -1.49
N LYS A 99 -11.14 5.49 -0.30
CA LYS A 99 -11.67 4.14 -0.12
C LYS A 99 -13.00 4.22 0.63
N VAL A 100 -14.01 3.56 0.10
CA VAL A 100 -15.33 3.58 0.73
C VAL A 100 -15.63 2.33 1.54
N HIS A 101 -14.88 1.24 1.34
CA HIS A 101 -15.09 0.02 2.09
C HIS A 101 -13.78 -0.74 2.20
N ALA A 102 -13.69 -1.59 3.21
CA ALA A 102 -12.54 -2.48 3.40
C ALA A 102 -13.07 -3.75 4.06
N ILE A 103 -13.37 -4.75 3.24
CA ILE A 103 -14.06 -5.95 3.70
C ILE A 103 -13.01 -7.00 4.06
N PRO A 104 -12.94 -7.44 5.32
CA PRO A 104 -12.00 -8.51 5.69
C PRO A 104 -12.54 -9.87 5.26
N LEU A 105 -11.85 -10.51 4.31
CA LEU A 105 -12.30 -11.79 3.79
C LEU A 105 -12.02 -12.90 4.79
N ARG A 106 -12.87 -13.93 4.76
CA ARG A 106 -12.65 -15.09 5.61
C ARG A 106 -11.38 -15.83 5.21
N SER A 107 -11.17 -16.00 3.91
CA SER A 107 -9.97 -16.66 3.39
C SER A 107 -9.16 -15.64 2.59
N SER A 108 -7.89 -15.49 2.95
CA SER A 108 -7.03 -14.52 2.29
C SER A 108 -6.57 -14.96 0.91
N TRP A 109 -6.74 -16.24 0.56
CA TRP A 109 -6.29 -16.77 -0.72
C TRP A 109 -7.37 -16.48 -1.77
N VAL A 110 -7.33 -15.27 -2.30
CA VAL A 110 -8.30 -14.79 -3.26
C VAL A 110 -7.64 -14.71 -4.63
N MET A 111 -8.35 -15.17 -5.65
CA MET A 111 -7.89 -15.09 -7.04
C MET A 111 -8.87 -14.39 -7.95
N THR A 112 -10.04 -13.99 -7.45
CA THR A 112 -11.03 -13.33 -8.27
C THR A 112 -11.90 -12.44 -7.39
N CYS A 113 -12.49 -11.42 -8.03
CA CYS A 113 -13.41 -10.53 -7.35
C CYS A 113 -14.39 -9.99 -8.38
N ALA A 114 -15.54 -9.51 -7.89
CA ALA A 114 -16.56 -9.00 -8.78
C ALA A 114 -17.34 -7.91 -8.07
N TYR A 115 -17.99 -7.06 -8.87
CA TYR A 115 -18.81 -5.97 -8.38
C TYR A 115 -20.15 -6.04 -9.12
N ALA A 116 -21.23 -6.07 -8.36
CA ALA A 116 -22.55 -6.25 -8.97
C ALA A 116 -22.88 -5.07 -9.87
N PRO A 117 -23.55 -5.29 -11.01
CA PRO A 117 -23.98 -4.16 -11.84
C PRO A 117 -24.93 -3.22 -11.12
N SER A 118 -25.76 -3.74 -10.21
CA SER A 118 -26.56 -2.87 -9.37
C SER A 118 -25.70 -2.10 -8.37
N GLY A 119 -24.60 -2.70 -7.91
CA GLY A 119 -23.71 -2.09 -6.96
C GLY A 119 -23.89 -2.54 -5.53
N ASN A 120 -24.90 -3.37 -5.25
CA ASN A 120 -25.20 -3.78 -3.88
C ASN A 120 -24.32 -4.92 -3.39
N TYR A 121 -23.74 -5.71 -4.29
CA TYR A 121 -23.04 -6.94 -3.91
C TYR A 121 -21.64 -6.96 -4.49
N VAL A 122 -20.73 -7.60 -3.75
CA VAL A 122 -19.35 -7.83 -4.18
C VAL A 122 -19.03 -9.30 -3.96
N ALA A 123 -18.50 -9.95 -4.98
CA ALA A 123 -18.13 -11.36 -4.90
C ALA A 123 -16.66 -11.50 -4.47
N CYS A 124 -16.29 -12.74 -4.15
CA CYS A 124 -14.94 -13.09 -3.74
C CYS A 124 -14.79 -14.60 -3.77
N GLY A 125 -13.64 -15.07 -4.23
CA GLY A 125 -13.38 -16.49 -4.28
C GLY A 125 -11.91 -16.76 -4.51
N GLY A 126 -11.56 -18.04 -4.43
CA GLY A 126 -10.18 -18.45 -4.61
C GLY A 126 -9.90 -19.88 -4.18
N LEU A 127 -8.81 -20.09 -3.45
CA LEU A 127 -8.44 -21.42 -2.99
C LEU A 127 -9.41 -21.97 -1.94
N ASP A 128 -10.29 -21.13 -1.39
CA ASP A 128 -11.26 -21.59 -0.40
C ASP A 128 -12.37 -22.45 -0.99
N ASN A 129 -12.44 -22.55 -2.32
CA ASN A 129 -13.46 -23.29 -3.06
C ASN A 129 -14.85 -22.70 -2.88
N ILE A 130 -14.96 -21.47 -2.38
CA ILE A 130 -16.23 -20.85 -2.06
C ILE A 130 -16.27 -19.46 -2.70
N CYS A 131 -17.36 -19.17 -3.40
CA CYS A 131 -17.61 -17.83 -3.94
C CYS A 131 -18.51 -17.08 -2.97
N SER A 132 -17.90 -16.19 -2.18
CA SER A 132 -18.65 -15.46 -1.17
C SER A 132 -19.33 -14.24 -1.78
N ILE A 133 -20.50 -13.92 -1.25
CA ILE A 133 -21.27 -12.75 -1.67
C ILE A 133 -21.45 -11.85 -0.46
N TYR A 134 -21.13 -10.57 -0.64
CA TYR A 134 -21.16 -9.59 0.44
C TYR A 134 -22.21 -8.53 0.15
N ASN A 135 -23.02 -8.20 1.15
CA ASN A 135 -24.08 -7.20 1.00
C ASN A 135 -23.51 -5.85 1.40
N LEU A 136 -23.22 -5.01 0.39
CA LEU A 136 -22.63 -3.70 0.67
C LEU A 136 -23.64 -2.76 1.32
N LYS A 137 -24.89 -2.75 0.83
CA LYS A 137 -25.91 -1.81 1.29
C LYS A 137 -26.73 -2.43 2.42
N THR A 138 -26.02 -2.81 3.49
CA THR A 138 -26.68 -3.34 4.67
C THR A 138 -27.23 -2.20 5.52
N ARG A 139 -28.44 -2.41 6.07
CA ARG A 139 -29.05 -1.40 6.93
C ARG A 139 -28.31 -1.22 8.23
N GLU A 140 -27.45 -2.17 8.60
CA GLU A 140 -26.72 -2.13 9.86
C GLU A 140 -25.33 -1.50 9.73
N GLY A 141 -25.01 -0.95 8.56
CA GLY A 141 -23.70 -0.33 8.38
C GLY A 141 -22.71 -1.21 7.64
N ASN A 142 -21.83 -1.86 8.40
CA ASN A 142 -20.73 -2.62 7.84
C ASN A 142 -21.23 -3.72 6.88
N VAL A 143 -20.32 -4.18 6.03
CA VAL A 143 -20.64 -5.19 5.03
C VAL A 143 -20.65 -6.56 5.68
N ARG A 144 -21.71 -7.33 5.42
CA ARG A 144 -21.87 -8.68 5.96
C ARG A 144 -21.93 -9.69 4.82
N VAL A 145 -21.37 -10.87 5.07
CA VAL A 145 -21.36 -11.93 4.06
C VAL A 145 -22.78 -12.44 3.89
N SER A 146 -23.38 -12.16 2.72
CA SER A 146 -24.75 -12.60 2.48
C SER A 146 -24.83 -14.09 2.21
N ARG A 147 -23.80 -14.67 1.59
CA ARG A 147 -23.81 -16.10 1.29
C ARG A 147 -22.38 -16.57 1.08
N GLU A 148 -22.17 -17.87 1.24
CA GLU A 148 -20.91 -18.54 0.97
C GLU A 148 -21.22 -19.79 0.14
N LEU A 149 -21.01 -19.70 -1.17
CA LEU A 149 -21.39 -20.76 -2.09
C LEU A 149 -20.33 -21.84 -2.07
N ALA A 150 -20.65 -22.99 -1.45
CA ALA A 150 -19.71 -24.09 -1.28
C ALA A 150 -20.22 -25.31 -2.04
N GLY A 151 -19.84 -25.40 -3.31
CA GLY A 151 -20.20 -26.55 -4.12
C GLY A 151 -19.10 -26.96 -5.09
N HIS A 152 -17.97 -26.26 -5.04
CA HIS A 152 -16.85 -26.51 -5.94
C HIS A 152 -15.79 -27.35 -5.24
N THR A 153 -15.31 -28.37 -5.94
CA THR A 153 -14.21 -29.19 -5.47
C THR A 153 -12.85 -28.65 -5.89
N GLY A 154 -12.82 -27.50 -6.58
CA GLY A 154 -11.57 -26.88 -6.96
C GLY A 154 -11.59 -25.40 -6.65
N TYR A 155 -10.42 -24.78 -6.80
CA TYR A 155 -10.28 -23.35 -6.51
C TYR A 155 -11.09 -22.51 -7.50
N LEU A 156 -11.78 -21.51 -6.97
CA LEU A 156 -12.54 -20.60 -7.82
C LEU A 156 -11.59 -19.61 -8.47
N SER A 157 -11.74 -19.44 -9.79
CA SER A 157 -10.83 -18.59 -10.55
C SER A 157 -11.48 -17.33 -11.11
N CYS A 158 -12.80 -17.32 -11.31
CA CYS A 158 -13.47 -16.14 -11.82
C CYS A 158 -14.94 -16.20 -11.44
N CYS A 159 -15.52 -15.03 -11.16
CA CYS A 159 -16.92 -14.92 -10.78
C CYS A 159 -17.49 -13.63 -11.34
N ARG A 160 -18.67 -13.72 -11.94
CA ARG A 160 -19.34 -12.57 -12.55
C ARG A 160 -20.81 -12.56 -12.12
N PHE A 161 -21.31 -11.39 -11.77
CA PHE A 161 -22.72 -11.24 -11.42
C PHE A 161 -23.57 -11.08 -12.69
N LEU A 162 -24.54 -11.97 -12.86
CA LEU A 162 -25.58 -11.73 -13.85
C LEU A 162 -26.55 -10.65 -13.35
N ASP A 163 -26.93 -10.72 -12.08
CA ASP A 163 -27.76 -9.72 -11.44
C ASP A 163 -27.51 -9.80 -9.93
N ASP A 164 -28.41 -9.19 -9.14
CA ASP A 164 -28.26 -9.22 -7.69
C ASP A 164 -28.40 -10.63 -7.14
N ASN A 165 -29.19 -11.48 -7.80
CA ASN A 165 -29.44 -12.83 -7.32
C ASN A 165 -28.59 -13.88 -8.03
N GLN A 166 -28.25 -13.67 -9.30
CA GLN A 166 -27.55 -14.67 -10.09
C GLN A 166 -26.06 -14.39 -10.13
N ILE A 167 -25.28 -15.46 -10.31
CA ILE A 167 -23.83 -15.35 -10.43
C ILE A 167 -23.27 -16.59 -11.10
N VAL A 168 -22.26 -16.40 -11.95
CA VAL A 168 -21.57 -17.50 -12.63
C VAL A 168 -20.14 -17.54 -12.14
N THR A 169 -19.66 -18.74 -11.80
CA THR A 169 -18.34 -18.92 -11.22
C THR A 169 -17.52 -19.89 -12.06
N SER A 170 -16.24 -19.58 -12.24
CA SER A 170 -15.29 -20.45 -12.89
C SER A 170 -14.37 -21.03 -11.83
N SER A 171 -14.22 -22.35 -11.82
CA SER A 171 -13.50 -23.04 -10.76
C SER A 171 -12.37 -23.88 -11.34
N GLY A 172 -11.46 -24.28 -10.46
CA GLY A 172 -10.32 -25.09 -10.80
C GLY A 172 -10.54 -26.58 -10.85
N ASP A 173 -11.78 -27.04 -10.66
CA ASP A 173 -12.11 -28.45 -10.82
C ASP A 173 -12.63 -28.78 -12.21
N THR A 174 -12.17 -28.05 -13.22
CA THR A 174 -12.50 -28.30 -14.64
C THR A 174 -14.00 -28.19 -14.90
N THR A 175 -14.65 -27.22 -14.26
CA THR A 175 -16.06 -26.97 -14.51
C THR A 175 -16.40 -25.54 -14.11
N CYS A 176 -17.55 -25.09 -14.60
CA CYS A 176 -18.13 -23.80 -14.22
C CYS A 176 -19.54 -24.04 -13.68
N ALA A 177 -19.95 -23.20 -12.73
CA ALA A 177 -21.22 -23.41 -12.05
C ALA A 177 -21.97 -22.09 -11.95
N LEU A 178 -23.20 -22.09 -12.43
CA LEU A 178 -24.12 -20.97 -12.24
C LEU A 178 -24.86 -21.16 -10.93
N TRP A 179 -24.82 -20.15 -10.07
CA TRP A 179 -25.33 -20.26 -8.71
C TRP A 179 -26.65 -19.51 -8.57
N ASP A 180 -27.17 -19.51 -7.34
CA ASP A 180 -28.40 -18.80 -6.97
C ASP A 180 -28.17 -18.23 -5.57
N ILE A 181 -27.84 -16.94 -5.49
CA ILE A 181 -27.51 -16.32 -4.21
C ILE A 181 -28.69 -16.25 -3.25
N GLU A 182 -29.92 -16.47 -3.74
CA GLU A 182 -31.06 -16.51 -2.84
C GLU A 182 -31.12 -17.83 -2.07
N THR A 183 -30.76 -18.93 -2.72
CA THR A 183 -30.83 -20.26 -2.11
C THR A 183 -29.48 -20.90 -1.86
N GLY A 184 -28.46 -20.56 -2.65
CA GLY A 184 -27.13 -21.10 -2.46
C GLY A 184 -26.82 -22.37 -3.23
N GLN A 185 -27.80 -22.95 -3.92
CA GLN A 185 -27.59 -24.17 -4.68
C GLN A 185 -27.24 -23.85 -6.12
N GLN A 186 -26.45 -24.74 -6.74
CA GLN A 186 -26.03 -24.56 -8.12
C GLN A 186 -27.23 -24.74 -9.04
N THR A 187 -27.73 -23.63 -9.59
CA THR A 187 -28.83 -23.71 -10.54
C THR A 187 -28.40 -24.48 -11.80
N THR A 188 -27.21 -24.19 -12.30
CA THR A 188 -26.68 -24.84 -13.49
C THR A 188 -25.19 -25.08 -13.31
N THR A 189 -24.72 -26.20 -13.83
CA THR A 189 -23.30 -26.54 -13.83
C THR A 189 -22.84 -26.77 -15.25
N PHE A 190 -21.64 -26.28 -15.58
CA PHE A 190 -21.07 -26.36 -16.91
C PHE A 190 -19.84 -27.27 -16.86
N THR A 191 -19.91 -28.40 -17.53
CA THR A 191 -18.84 -29.38 -17.54
C THR A 191 -18.34 -29.61 -18.96
N GLY A 192 -17.07 -29.99 -19.07
CA GLY A 192 -16.50 -30.29 -20.37
C GLY A 192 -15.05 -29.86 -20.54
N HIS A 193 -14.58 -28.95 -19.70
CA HIS A 193 -13.18 -28.52 -19.77
C HIS A 193 -12.25 -29.64 -19.35
N THR A 194 -11.23 -29.90 -20.15
CA THR A 194 -10.24 -30.93 -19.80
C THR A 194 -9.33 -30.45 -18.68
N GLY A 195 -8.98 -29.17 -18.68
CA GLY A 195 -8.06 -28.63 -17.70
C GLY A 195 -8.69 -27.61 -16.77
N ASP A 196 -7.87 -26.90 -16.01
CA ASP A 196 -8.37 -25.95 -15.03
C ASP A 196 -8.94 -24.72 -15.73
N VAL A 197 -10.15 -24.33 -15.34
CA VAL A 197 -10.80 -23.15 -15.89
C VAL A 197 -10.30 -21.94 -15.11
N MET A 198 -9.46 -21.13 -15.73
CA MET A 198 -8.76 -20.04 -15.07
C MET A 198 -9.31 -18.66 -15.43
N SER A 199 -10.32 -18.57 -16.27
CA SER A 199 -10.85 -17.27 -16.67
C SER A 199 -12.31 -17.42 -17.07
N LEU A 200 -13.01 -16.29 -17.07
CA LEU A 200 -14.43 -16.23 -17.41
C LEU A 200 -14.80 -14.79 -17.70
N SER A 201 -15.73 -14.61 -18.64
CA SER A 201 -16.18 -13.27 -19.00
C SER A 201 -17.61 -13.35 -19.50
N LEU A 202 -18.51 -12.61 -18.85
CA LEU A 202 -19.90 -12.59 -19.25
C LEU A 202 -20.12 -11.67 -20.43
N ALA A 203 -21.04 -12.06 -21.31
CA ALA A 203 -21.37 -11.25 -22.47
C ALA A 203 -22.14 -10.00 -22.05
N PRO A 204 -22.17 -8.97 -22.90
CA PRO A 204 -22.93 -7.76 -22.55
C PRO A 204 -24.40 -8.02 -22.24
N ASP A 205 -25.04 -8.95 -22.95
CA ASP A 205 -26.42 -9.28 -22.66
C ASP A 205 -26.56 -10.29 -21.51
N THR A 206 -25.45 -10.81 -21.00
CA THR A 206 -25.42 -11.75 -19.87
C THR A 206 -26.22 -13.02 -20.14
N ARG A 207 -26.52 -13.32 -21.41
CA ARG A 207 -27.19 -14.55 -21.78
C ARG A 207 -26.23 -15.68 -22.10
N LEU A 208 -24.92 -15.39 -22.13
CA LEU A 208 -23.91 -16.38 -22.46
C LEU A 208 -22.57 -15.87 -21.97
N PHE A 209 -21.59 -16.79 -21.89
CA PHE A 209 -20.25 -16.44 -21.46
C PHE A 209 -19.26 -17.44 -22.02
N VAL A 210 -18.00 -17.02 -22.07
CA VAL A 210 -16.91 -17.86 -22.54
C VAL A 210 -15.93 -18.07 -21.39
N SER A 211 -15.50 -19.31 -21.20
CA SER A 211 -14.54 -19.67 -20.16
C SER A 211 -13.25 -20.14 -20.81
N GLY A 212 -12.14 -19.50 -20.44
CA GLY A 212 -10.84 -19.90 -20.96
C GLY A 212 -10.08 -20.75 -19.97
N ALA A 213 -9.99 -22.04 -20.25
CA ALA A 213 -9.38 -22.99 -19.33
C ALA A 213 -7.89 -23.15 -19.63
N CYS A 214 -7.24 -24.02 -18.87
CA CYS A 214 -5.81 -24.24 -18.98
C CYS A 214 -5.44 -25.32 -19.99
N ASP A 215 -6.42 -25.93 -20.64
CA ASP A 215 -6.16 -26.91 -21.69
C ASP A 215 -6.07 -26.27 -23.08
N ALA A 216 -5.70 -24.99 -23.14
CA ALA A 216 -5.57 -24.26 -24.41
C ALA A 216 -6.88 -24.28 -25.20
N SER A 217 -8.00 -24.17 -24.49
CA SER A 217 -9.31 -24.13 -25.13
C SER A 217 -10.17 -23.07 -24.45
N ALA A 218 -11.06 -22.47 -25.23
CA ALA A 218 -12.03 -21.50 -24.72
C ALA A 218 -13.41 -21.95 -25.15
N LYS A 219 -14.21 -22.42 -24.19
CA LYS A 219 -15.52 -22.99 -24.48
C LYS A 219 -16.60 -21.93 -24.25
N LEU A 220 -17.48 -21.76 -25.24
CA LEU A 220 -18.56 -20.81 -25.16
C LEU A 220 -19.77 -21.50 -24.54
N TRP A 221 -20.19 -21.02 -23.37
CA TRP A 221 -21.29 -21.63 -22.64
C TRP A 221 -22.59 -20.86 -22.87
N ASP A 222 -23.67 -21.38 -22.30
CA ASP A 222 -24.96 -20.70 -22.30
C ASP A 222 -25.56 -20.81 -20.91
N VAL A 223 -25.91 -19.66 -20.32
CA VAL A 223 -26.37 -19.66 -18.94
C VAL A 223 -27.77 -20.28 -18.83
N ARG A 224 -28.66 -19.95 -19.77
CA ARG A 224 -30.02 -20.51 -19.71
C ARG A 224 -30.02 -22.00 -20.04
N GLU A 225 -29.36 -22.39 -21.14
CA GLU A 225 -29.41 -23.78 -21.57
C GLU A 225 -28.50 -24.67 -20.73
N GLY A 226 -27.34 -24.15 -20.34
CA GLY A 226 -26.41 -24.92 -19.54
C GLY A 226 -25.50 -25.85 -20.31
N MET A 227 -25.48 -25.75 -21.64
CA MET A 227 -24.64 -26.60 -22.48
C MET A 227 -23.71 -25.74 -23.32
N CYS A 228 -22.50 -26.25 -23.55
CA CYS A 228 -21.53 -25.53 -24.36
C CYS A 228 -21.97 -25.51 -25.82
N ARG A 229 -21.54 -24.47 -26.53
CA ARG A 229 -21.86 -24.30 -27.95
C ARG A 229 -20.65 -24.43 -28.85
N GLN A 230 -19.58 -23.69 -28.55
CA GLN A 230 -18.38 -23.72 -29.38
C GLN A 230 -17.15 -23.80 -28.47
N THR A 231 -16.11 -24.46 -28.98
CA THR A 231 -14.82 -24.51 -28.32
C THR A 231 -13.77 -23.89 -29.24
N PHE A 232 -12.83 -23.17 -28.65
CA PHE A 232 -11.82 -22.42 -29.39
C PHE A 232 -10.44 -22.96 -29.00
N THR A 233 -9.97 -23.96 -29.75
CA THR A 233 -8.67 -24.58 -29.52
C THR A 233 -7.69 -23.98 -30.52
N GLY A 234 -7.12 -22.83 -30.15
CA GLY A 234 -6.16 -22.16 -31.02
C GLY A 234 -4.89 -21.75 -30.31
N HIS A 235 -4.87 -21.84 -28.99
CA HIS A 235 -3.72 -21.43 -28.21
C HIS A 235 -2.71 -22.57 -28.09
N GLU A 236 -1.54 -22.25 -27.55
CA GLU A 236 -0.47 -23.22 -27.36
C GLU A 236 -0.14 -23.46 -25.90
N SER A 237 -0.82 -22.78 -24.98
CA SER A 237 -0.56 -22.96 -23.56
C SER A 237 -1.84 -22.63 -22.79
N ASP A 238 -1.73 -22.57 -21.47
CA ASP A 238 -2.89 -22.33 -20.62
C ASP A 238 -3.39 -20.89 -20.80
N ILE A 239 -4.70 -20.74 -20.90
CA ILE A 239 -5.33 -19.42 -21.04
C ILE A 239 -5.50 -18.83 -19.65
N ASN A 240 -4.89 -17.67 -19.43
CA ASN A 240 -4.91 -17.01 -18.14
C ASN A 240 -5.90 -15.85 -18.05
N ALA A 241 -6.45 -15.41 -19.17
CA ALA A 241 -7.36 -14.27 -19.16
C ALA A 241 -8.30 -14.35 -20.35
N ILE A 242 -9.42 -13.63 -20.25
CA ILE A 242 -10.43 -13.62 -21.29
C ILE A 242 -11.27 -12.36 -21.10
N CYS A 243 -11.83 -11.87 -22.21
CA CYS A 243 -12.65 -10.66 -22.17
C CYS A 243 -13.44 -10.54 -23.47
N PHE A 244 -14.74 -10.33 -23.36
CA PHE A 244 -15.57 -10.16 -24.55
C PHE A 244 -15.27 -8.84 -25.25
N PHE A 245 -15.30 -8.88 -26.58
CA PHE A 245 -15.35 -7.65 -27.36
C PHE A 245 -16.66 -6.93 -27.05
N PRO A 246 -16.65 -5.59 -26.99
CA PRO A 246 -17.85 -4.86 -26.56
C PRO A 246 -19.09 -5.16 -27.38
N ASN A 247 -18.93 -5.46 -28.67
CA ASN A 247 -20.09 -5.81 -29.50
C ASN A 247 -20.74 -7.11 -29.04
N GLY A 248 -20.02 -7.94 -28.30
CA GLY A 248 -20.56 -9.18 -27.81
C GLY A 248 -20.48 -10.36 -28.76
N ASN A 249 -19.89 -10.18 -29.94
CA ASN A 249 -19.75 -11.26 -30.91
C ASN A 249 -18.30 -11.71 -31.06
N ALA A 250 -17.41 -11.26 -30.18
CA ALA A 250 -16.01 -11.65 -30.24
C ALA A 250 -15.41 -11.53 -28.84
N PHE A 251 -14.24 -12.15 -28.66
CA PHE A 251 -13.53 -12.05 -27.39
C PHE A 251 -12.05 -12.30 -27.63
N ALA A 252 -11.22 -11.75 -26.75
CA ALA A 252 -9.78 -11.93 -26.78
C ALA A 252 -9.35 -12.73 -25.56
N THR A 253 -8.62 -13.82 -25.80
CA THR A 253 -8.18 -14.71 -24.74
C THR A 253 -6.66 -14.66 -24.65
N GLY A 254 -6.15 -14.32 -23.46
CA GLY A 254 -4.72 -14.29 -23.24
C GLY A 254 -4.23 -15.58 -22.60
N SER A 255 -3.05 -16.02 -23.04
CA SER A 255 -2.47 -17.28 -22.60
C SER A 255 -1.05 -17.06 -22.12
N ASP A 256 -0.41 -18.14 -21.69
CA ASP A 256 0.99 -18.12 -21.27
C ASP A 256 1.96 -18.23 -22.44
N ASP A 257 1.45 -18.37 -23.67
CA ASP A 257 2.28 -18.43 -24.86
C ASP A 257 2.71 -17.05 -25.36
N ALA A 258 2.60 -16.03 -24.51
CA ALA A 258 3.00 -14.65 -24.84
C ALA A 258 2.21 -14.11 -26.02
N THR A 259 0.97 -14.57 -26.20
CA THR A 259 0.11 -14.09 -27.27
C THR A 259 -1.34 -14.10 -26.82
N CYS A 260 -2.08 -13.08 -27.24
CA CYS A 260 -3.52 -13.00 -27.05
C CYS A 260 -4.19 -12.93 -28.41
N ARG A 261 -5.16 -13.80 -28.64
CA ARG A 261 -5.81 -13.93 -29.93
C ARG A 261 -7.26 -13.46 -29.86
N LEU A 262 -7.72 -12.88 -30.95
CA LEU A 262 -9.10 -12.37 -31.07
C LEU A 262 -9.96 -13.47 -31.68
N PHE A 263 -10.76 -14.12 -30.86
CA PHE A 263 -11.67 -15.16 -31.32
C PHE A 263 -13.02 -14.57 -31.67
N ASP A 264 -13.60 -15.03 -32.78
CA ASP A 264 -14.91 -14.58 -33.23
C ASP A 264 -15.94 -15.65 -32.94
N LEU A 265 -17.06 -15.26 -32.33
CA LEU A 265 -18.09 -16.23 -31.99
C LEU A 265 -18.80 -16.76 -33.23
N ARG A 266 -19.18 -15.87 -34.14
CA ARG A 266 -19.92 -16.30 -35.32
C ARG A 266 -19.00 -17.00 -36.32
N ALA A 267 -17.78 -16.49 -36.50
CA ALA A 267 -16.83 -17.16 -37.37
C ALA A 267 -16.28 -18.44 -36.73
N ASP A 268 -16.34 -18.53 -35.40
CA ASP A 268 -15.95 -19.73 -34.65
C ASP A 268 -14.48 -20.08 -34.92
N GLN A 269 -13.64 -19.05 -34.91
CA GLN A 269 -12.21 -19.24 -35.09
C GLN A 269 -11.41 -17.99 -34.75
N GLU A 270 -10.10 -18.04 -34.96
CA GLU A 270 -9.23 -16.91 -34.70
C GLU A 270 -9.44 -15.81 -35.74
N LEU A 271 -9.11 -14.58 -35.34
CA LEU A 271 -9.08 -13.45 -36.25
C LEU A 271 -7.70 -12.85 -36.39
N MET A 272 -7.05 -12.53 -35.27
CA MET A 272 -5.69 -12.00 -35.27
C MET A 272 -4.97 -12.46 -34.01
N THR A 273 -3.68 -12.71 -34.15
CA THR A 273 -2.82 -13.14 -33.04
C THR A 273 -1.94 -11.95 -32.65
N TYR A 274 -2.20 -11.37 -31.48
CA TYR A 274 -1.48 -10.19 -31.02
C TYR A 274 -0.21 -10.63 -30.32
N SER A 275 0.76 -11.06 -31.13
CA SER A 275 2.04 -11.55 -30.64
C SER A 275 3.17 -10.70 -31.18
N HIS A 276 4.24 -10.59 -30.38
CA HIS A 276 5.41 -9.84 -30.77
C HIS A 276 6.65 -10.69 -30.51
N ASP A 277 7.63 -10.60 -31.41
CA ASP A 277 8.82 -11.43 -31.31
C ASP A 277 9.65 -11.11 -30.07
N ASN A 278 9.53 -9.90 -29.53
CA ASN A 278 10.29 -9.51 -28.35
C ASN A 278 9.56 -9.79 -27.05
N ILE A 279 8.39 -10.42 -27.10
CA ILE A 279 7.59 -10.74 -25.91
C ILE A 279 7.65 -12.24 -25.69
N ILE A 280 7.99 -12.64 -24.46
CA ILE A 280 8.03 -14.06 -24.10
C ILE A 280 7.17 -14.28 -22.86
N CYS A 281 6.78 -13.18 -22.20
CA CYS A 281 5.96 -13.27 -21.01
C CYS A 281 4.50 -13.50 -21.37
N GLY A 282 3.82 -14.34 -20.59
CA GLY A 282 2.44 -14.70 -20.89
C GLY A 282 1.45 -13.64 -20.42
N ILE A 283 0.31 -13.60 -21.11
CA ILE A 283 -0.76 -12.69 -20.73
C ILE A 283 -1.35 -13.10 -19.39
N THR A 284 -1.62 -12.11 -18.54
CA THR A 284 -2.34 -12.34 -17.29
C THR A 284 -3.67 -11.62 -17.22
N SER A 285 -3.88 -10.61 -18.05
CA SER A 285 -5.13 -9.86 -18.05
C SER A 285 -5.34 -9.23 -19.42
N VAL A 286 -6.57 -9.28 -19.91
CA VAL A 286 -6.94 -8.70 -21.19
C VAL A 286 -8.24 -7.92 -21.02
N SER A 287 -8.31 -6.75 -21.67
CA SER A 287 -9.49 -5.91 -21.57
C SER A 287 -9.57 -5.01 -22.80
N PHE A 288 -10.80 -4.79 -23.28
CA PHE A 288 -11.05 -3.95 -24.44
C PHE A 288 -11.45 -2.53 -24.01
N SER A 289 -11.45 -1.62 -24.97
CA SER A 289 -12.00 -0.28 -24.78
C SER A 289 -13.49 -0.29 -25.14
N LYS A 290 -14.10 0.90 -25.17
CA LYS A 290 -15.51 0.98 -25.54
C LYS A 290 -15.74 0.55 -26.98
N SER A 291 -14.90 1.06 -27.89
CA SER A 291 -15.05 0.74 -29.30
C SER A 291 -14.39 -0.57 -29.68
N GLY A 292 -13.55 -1.13 -28.81
CA GLY A 292 -12.85 -2.36 -29.10
C GLY A 292 -11.60 -2.19 -29.94
N ARG A 293 -11.26 -0.97 -30.35
CA ARG A 293 -10.08 -0.76 -31.16
C ARG A 293 -8.80 -1.04 -30.37
N LEU A 294 -8.79 -0.71 -29.08
CA LEU A 294 -7.63 -0.92 -28.22
C LEU A 294 -7.89 -2.08 -27.28
N LEU A 295 -6.93 -3.00 -27.19
CA LEU A 295 -6.99 -4.14 -26.28
C LEU A 295 -5.84 -4.01 -25.30
N LEU A 296 -6.12 -3.46 -24.12
CA LEU A 296 -5.12 -3.29 -23.08
C LEU A 296 -4.89 -4.64 -22.42
N ALA A 297 -3.96 -5.41 -22.97
CA ALA A 297 -3.66 -6.76 -22.49
C ALA A 297 -2.44 -6.71 -21.57
N GLY A 298 -2.63 -7.14 -20.32
CA GLY A 298 -1.53 -7.18 -19.40
C GLY A 298 -0.56 -8.30 -19.69
N TYR A 299 0.67 -8.13 -19.20
CA TYR A 299 1.74 -9.08 -19.45
C TYR A 299 2.49 -9.37 -18.16
N ASP A 300 3.12 -10.55 -18.11
CA ASP A 300 4.02 -10.87 -17.02
C ASP A 300 5.34 -10.12 -17.10
N ASP A 301 5.58 -9.40 -18.21
CA ASP A 301 6.80 -8.64 -18.43
C ASP A 301 6.78 -7.26 -17.77
N PHE A 302 5.90 -7.07 -16.78
CA PHE A 302 5.77 -5.88 -15.94
C PHE A 302 5.07 -4.74 -16.67
N ASN A 303 4.69 -4.90 -17.93
CA ASN A 303 4.08 -3.84 -18.72
C ASN A 303 2.75 -4.29 -19.28
N CYS A 304 1.77 -3.38 -19.28
CA CYS A 304 0.45 -3.63 -19.83
C CYS A 304 0.42 -3.01 -21.24
N ASN A 305 0.84 -3.79 -22.22
CA ASN A 305 0.91 -3.29 -23.59
C ASN A 305 -0.49 -3.00 -24.12
N VAL A 306 -0.58 -1.94 -24.92
CA VAL A 306 -1.84 -1.54 -25.54
C VAL A 306 -1.80 -1.97 -27.01
N TRP A 307 -2.72 -2.85 -27.38
CA TRP A 307 -2.73 -3.46 -28.71
C TRP A 307 -3.87 -2.88 -29.53
N ASP A 308 -3.56 -2.48 -30.77
CA ASP A 308 -4.59 -2.09 -31.73
C ASP A 308 -5.27 -3.35 -32.25
N ALA A 309 -6.56 -3.51 -31.92
CA ALA A 309 -7.26 -4.75 -32.23
C ALA A 309 -7.44 -4.98 -33.72
N LEU A 310 -7.32 -3.93 -34.54
CA LEU A 310 -7.45 -4.08 -35.98
C LEU A 310 -6.11 -4.00 -36.72
N LYS A 311 -5.06 -3.51 -36.06
CA LYS A 311 -3.73 -3.47 -36.65
C LYS A 311 -2.80 -4.57 -36.14
N ALA A 312 -3.14 -5.18 -35.00
CA ALA A 312 -2.27 -6.15 -34.33
C ALA A 312 -0.90 -5.55 -34.03
N ASP A 313 -0.88 -4.25 -33.74
CA ASP A 313 0.35 -3.51 -33.46
C ASP A 313 0.26 -2.87 -32.08
N ARG A 314 1.42 -2.72 -31.44
CA ARG A 314 1.49 -2.13 -30.12
C ARG A 314 1.34 -0.62 -30.25
N ALA A 315 0.14 -0.12 -29.96
CA ALA A 315 -0.08 1.32 -29.98
C ALA A 315 0.74 2.03 -28.92
N GLY A 316 0.84 1.45 -27.72
CA GLY A 316 1.62 2.05 -26.65
C GLY A 316 1.87 1.02 -25.57
N VAL A 317 2.74 1.40 -24.64
CA VAL A 317 3.12 0.55 -23.51
C VAL A 317 2.79 1.29 -22.22
N LEU A 318 2.15 0.58 -21.29
CA LEU A 318 1.81 1.14 -19.99
C LEU A 318 2.85 0.73 -18.94
N ALA A 319 4.08 1.19 -19.14
CA ALA A 319 5.14 0.93 -18.19
C ALA A 319 4.93 1.74 -16.92
N GLY A 320 5.35 1.18 -15.79
CA GLY A 320 5.18 1.85 -14.52
C GLY A 320 4.83 0.91 -13.38
N HIS A 321 4.69 -0.37 -13.68
CA HIS A 321 4.40 -1.39 -12.67
C HIS A 321 5.67 -2.18 -12.38
N ASP A 322 6.02 -2.27 -11.11
CA ASP A 322 7.26 -2.94 -10.69
C ASP A 322 7.13 -4.46 -10.66
N ASN A 323 5.94 -5.01 -10.86
CA ASN A 323 5.72 -6.44 -10.85
C ASN A 323 4.73 -6.79 -11.95
N ARG A 324 4.48 -8.09 -12.12
CA ARG A 324 3.55 -8.55 -13.14
C ARG A 324 2.14 -8.05 -12.85
N VAL A 325 1.48 -7.52 -13.87
CA VAL A 325 0.10 -7.05 -13.73
C VAL A 325 -0.83 -8.26 -13.76
N SER A 326 -1.70 -8.36 -12.76
CA SER A 326 -2.60 -9.49 -12.65
C SER A 326 -4.03 -9.20 -13.09
N CYS A 327 -4.41 -7.93 -13.23
CA CYS A 327 -5.77 -7.58 -13.58
C CYS A 327 -5.80 -6.21 -14.22
N LEU A 328 -6.34 -6.11 -15.43
CA LEU A 328 -6.51 -4.86 -16.13
C LEU A 328 -8.00 -4.64 -16.37
N GLY A 329 -8.50 -3.46 -15.99
CA GLY A 329 -9.91 -3.17 -16.11
C GLY A 329 -10.22 -1.80 -16.69
N VAL A 330 -10.98 -1.77 -17.78
CA VAL A 330 -11.41 -0.54 -18.40
C VAL A 330 -12.79 -0.17 -17.88
N THR A 331 -13.01 1.11 -17.61
CA THR A 331 -14.28 1.57 -17.07
C THR A 331 -15.40 1.35 -18.08
N ASP A 332 -16.64 1.35 -17.58
CA ASP A 332 -17.80 1.15 -18.43
C ASP A 332 -18.08 2.33 -19.34
N ASP A 333 -17.61 3.52 -18.98
CA ASP A 333 -17.63 4.66 -19.87
C ASP A 333 -16.30 4.85 -20.60
N GLY A 334 -15.35 3.94 -20.43
CA GLY A 334 -14.12 3.93 -21.19
C GLY A 334 -13.18 5.09 -20.90
N MET A 335 -13.40 5.82 -19.81
CA MET A 335 -12.58 6.98 -19.51
C MET A 335 -11.20 6.58 -19.04
N ALA A 336 -11.10 5.51 -18.26
CA ALA A 336 -9.82 5.12 -17.68
C ALA A 336 -9.67 3.61 -17.70
N VAL A 337 -8.43 3.17 -17.59
CA VAL A 337 -8.07 1.76 -17.48
C VAL A 337 -7.29 1.57 -16.20
N ALA A 338 -7.68 0.57 -15.41
CA ALA A 338 -7.07 0.29 -14.11
C ALA A 338 -6.31 -1.01 -14.20
N THR A 339 -5.03 -0.96 -13.83
CA THR A 339 -4.16 -2.13 -13.84
C THR A 339 -3.73 -2.44 -12.42
N GLY A 340 -4.01 -3.68 -11.98
CA GLY A 340 -3.62 -4.11 -10.65
C GLY A 340 -2.51 -5.14 -10.70
N SER A 341 -1.32 -4.75 -10.29
CA SER A 341 -0.14 -5.62 -10.36
C SER A 341 0.16 -6.22 -9.00
N TRP A 342 1.19 -7.05 -8.96
CA TRP A 342 1.59 -7.74 -7.73
C TRP A 342 2.33 -6.83 -6.75
N ASP A 343 2.66 -5.60 -7.15
CA ASP A 343 3.34 -4.65 -6.27
C ASP A 343 2.36 -3.89 -5.38
N SER A 344 1.14 -4.41 -5.19
CA SER A 344 0.14 -3.82 -4.33
C SER A 344 -0.24 -2.41 -4.78
N PHE A 345 -0.30 -2.20 -6.09
CA PHE A 345 -0.65 -0.91 -6.66
C PHE A 345 -1.75 -1.10 -7.69
N LEU A 346 -2.74 -0.22 -7.66
CA LEU A 346 -3.86 -0.22 -8.59
C LEU A 346 -3.84 1.13 -9.32
N LYS A 347 -3.09 1.19 -10.40
CA LYS A 347 -2.86 2.44 -11.12
C LYS A 347 -4.00 2.72 -12.09
N ILE A 348 -4.41 3.98 -12.17
CA ILE A 348 -5.45 4.44 -13.07
C ILE A 348 -4.80 5.22 -14.19
N TRP A 349 -4.96 4.77 -15.42
CA TRP A 349 -4.33 5.37 -16.59
C TRP A 349 -5.37 6.04 -17.48
N ASN A 350 -4.96 7.15 -18.09
CA ASN A 350 -5.81 7.89 -19.01
C ASN A 350 -4.99 8.82 -19.89
N SER B 18 -15.00 20.64 -1.22
CA SER B 18 -15.27 19.67 -0.18
C SER B 18 -16.37 20.16 0.76
N ALA B 19 -17.60 19.67 0.56
CA ALA B 19 -18.73 20.05 1.38
C ALA B 19 -19.01 19.01 2.47
N GLU B 20 -19.29 17.78 2.06
CA GLU B 20 -19.30 16.64 2.98
C GLU B 20 -18.29 15.58 2.57
N GLU B 21 -17.48 15.83 1.52
CA GLU B 21 -16.38 14.93 1.13
C GLU B 21 -15.27 14.99 2.16
N ARG B 22 -15.37 15.91 3.10
CA ARG B 22 -14.37 15.95 4.19
C ARG B 22 -14.61 14.73 5.09
N ALA B 23 -15.86 14.35 5.35
CA ALA B 23 -16.16 13.13 6.09
C ALA B 23 -15.82 11.89 5.27
N ALA B 24 -15.98 11.95 3.95
CA ALA B 24 -15.60 10.81 3.10
C ALA B 24 -14.10 10.55 3.16
N LEU B 25 -13.33 11.62 3.11
CA LEU B 25 -11.86 11.50 3.20
C LEU B 25 -11.54 10.93 4.56
N GLU B 26 -12.18 11.47 5.59
CA GLU B 26 -11.91 11.00 6.95
C GLU B 26 -12.17 9.50 7.08
N ARG B 27 -13.27 9.02 6.49
CA ARG B 27 -13.55 7.59 6.49
C ARG B 27 -12.48 6.82 5.73
N SER B 28 -12.05 7.36 4.59
CA SER B 28 -10.99 6.72 3.82
C SER B 28 -9.71 6.64 4.64
N LYS B 29 -9.36 7.71 5.35
CA LYS B 29 -8.15 7.72 6.17
C LYS B 29 -8.25 6.73 7.32
N ALA B 30 -9.40 6.65 7.99
CA ALA B 30 -9.52 5.75 9.13
C ALA B 30 -9.48 4.29 8.67
N ILE B 31 -10.12 3.97 7.54
CA ILE B 31 -10.03 2.59 7.07
C ILE B 31 -8.66 2.29 6.46
N GLU B 32 -7.95 3.30 5.96
CA GLU B 32 -6.56 3.08 5.56
C GLU B 32 -5.68 2.79 6.77
N LYS B 33 -5.93 3.47 7.89
CA LYS B 33 -5.24 3.15 9.13
C LYS B 33 -5.58 1.74 9.59
N ASN B 34 -6.83 1.32 9.42
CA ASN B 34 -7.21 -0.05 9.73
C ASN B 34 -6.45 -1.04 8.86
N LEU B 35 -6.34 -0.75 7.56
CA LEU B 35 -5.57 -1.61 6.66
C LEU B 35 -4.11 -1.68 7.07
N LYS B 36 -3.53 -0.55 7.46
CA LYS B 36 -2.14 -0.53 7.90
C LYS B 36 -1.96 -1.37 9.16
N GLU B 37 -2.88 -1.24 10.12
CA GLU B 37 -2.80 -2.04 11.34
C GLU B 37 -2.94 -3.52 11.04
N ASP B 38 -3.85 -3.89 10.13
CA ASP B 38 -4.00 -5.28 9.74
C ASP B 38 -2.74 -5.81 9.07
N GLY B 39 -2.11 -4.97 8.24
CA GLY B 39 -0.87 -5.39 7.61
C GLY B 39 0.26 -5.60 8.60
N ILE B 40 0.37 -4.71 9.59
CA ILE B 40 1.38 -4.90 10.64
C ILE B 40 1.10 -6.16 11.43
N SER B 41 -0.16 -6.39 11.79
CA SER B 41 -0.52 -7.57 12.56
C SER B 41 -0.44 -8.86 11.75
N ALA B 42 -0.42 -8.78 10.42
CA ALA B 42 -0.32 -9.96 9.58
C ALA B 42 1.10 -10.28 9.14
N ALA B 43 2.03 -9.33 9.25
CA ALA B 43 3.42 -9.57 8.92
C ALA B 43 4.15 -10.38 9.98
N LYS B 44 3.59 -10.48 11.19
CA LYS B 44 4.21 -11.27 12.25
C LYS B 44 4.03 -12.77 12.05
N ASP B 45 3.04 -13.17 11.24
CA ASP B 45 2.76 -14.59 11.04
C ASP B 45 3.75 -15.18 10.05
N VAL B 46 4.42 -16.25 10.46
CA VAL B 46 5.34 -16.96 9.58
C VAL B 46 4.51 -17.91 8.72
N LYS B 47 4.55 -17.70 7.41
CA LYS B 47 3.81 -18.54 6.48
C LYS B 47 4.68 -19.69 6.02
N LEU B 48 4.22 -20.92 6.24
CA LEU B 48 4.92 -22.12 5.80
C LEU B 48 3.98 -22.93 4.91
N LEU B 49 4.50 -23.34 3.75
CA LEU B 49 3.73 -24.12 2.79
C LEU B 49 4.05 -25.60 2.99
N LEU B 50 3.02 -26.40 3.26
CA LEU B 50 3.19 -27.82 3.50
C LEU B 50 2.86 -28.58 2.21
N LEU B 51 3.81 -29.37 1.73
CA LEU B 51 3.67 -30.13 0.50
C LEU B 51 4.17 -31.55 0.73
N GLY B 52 3.96 -32.41 -0.27
CA GLY B 52 4.38 -33.79 -0.19
C GLY B 52 3.47 -34.72 -0.96
N ALA B 53 3.82 -36.00 -1.00
CA ALA B 53 3.01 -36.98 -1.70
C ALA B 53 1.77 -37.34 -0.88
N ASP B 54 0.79 -37.92 -1.55
CA ASP B 54 -0.45 -38.26 -0.83
C ASP B 54 -0.08 -39.26 0.25
N ASN B 55 -0.76 -39.20 1.37
CA ASN B 55 -0.52 -40.10 2.54
C ASN B 55 0.97 -40.22 2.78
N SER B 56 1.58 -39.11 3.16
CA SER B 56 2.99 -39.09 3.50
C SER B 56 3.21 -38.53 4.90
N GLY B 57 2.24 -38.74 5.79
CA GLY B 57 2.35 -38.23 7.14
C GLY B 57 2.01 -36.78 7.31
N LYS B 58 1.45 -36.12 6.28
CA LYS B 58 1.13 -34.71 6.38
C LYS B 58 0.09 -34.46 7.47
N SER B 59 -0.95 -35.28 7.50
CA SER B 59 -1.97 -35.14 8.53
C SER B 59 -1.38 -35.36 9.93
N THR B 60 -0.55 -36.39 10.07
CA THR B 60 0.05 -36.67 11.38
C THR B 60 0.96 -35.53 11.83
N ILE B 61 1.79 -35.01 10.92
CA ILE B 61 2.72 -33.96 11.32
C ILE B 61 1.99 -32.66 11.59
N VAL B 62 0.88 -32.39 10.89
CA VAL B 62 0.14 -31.17 11.17
C VAL B 62 -0.70 -31.32 12.44
N LYS B 63 -1.08 -32.54 12.80
CA LYS B 63 -1.76 -32.78 14.07
C LYS B 63 -0.80 -32.74 15.26
N GLN B 64 0.47 -33.11 15.04
CA GLN B 64 1.46 -33.05 16.11
C GLN B 64 1.79 -31.62 16.52
N MET B 65 1.52 -30.64 15.66
CA MET B 65 1.75 -29.24 15.97
C MET B 65 0.50 -28.53 16.46
N LYS B 66 -0.50 -29.30 16.91
CA LYS B 66 -1.77 -28.78 17.43
C LYS B 66 -2.61 -28.10 16.35
N ILE B 67 -3.91 -28.01 16.59
CA ILE B 67 -4.86 -27.38 15.66
C ILE B 67 -4.79 -28.05 14.29
N THR B 79 -11.89 -27.47 2.20
CA THR B 79 -11.47 -28.69 1.56
C THR B 79 -10.20 -28.47 0.74
N GLY B 80 -10.18 -27.38 -0.02
CA GLY B 80 -9.03 -27.05 -0.84
C GLY B 80 -7.78 -26.79 -0.04
N ILE B 81 -7.80 -25.76 0.80
CA ILE B 81 -6.67 -25.39 1.66
C ILE B 81 -7.10 -25.53 3.11
N VAL B 82 -6.19 -26.05 3.93
CA VAL B 82 -6.43 -26.23 5.36
C VAL B 82 -5.33 -25.48 6.09
N GLU B 83 -5.59 -24.23 6.44
CA GLU B 83 -4.61 -23.42 7.17
C GLU B 83 -4.61 -23.84 8.64
N THR B 84 -3.43 -24.15 9.15
CA THR B 84 -3.24 -24.58 10.54
C THR B 84 -2.30 -23.58 11.21
N HIS B 85 -2.87 -22.52 11.76
CA HIS B 85 -2.08 -21.49 12.43
C HIS B 85 -1.84 -21.88 13.88
N PHE B 86 -0.64 -21.58 14.38
CA PHE B 86 -0.30 -21.83 15.77
C PHE B 86 0.87 -20.93 16.15
N THR B 87 1.05 -20.74 17.45
CA THR B 87 2.09 -19.90 18.00
C THR B 87 3.08 -20.77 18.76
N PHE B 88 4.38 -20.56 18.51
CA PHE B 88 5.44 -21.37 19.12
C PHE B 88 6.61 -20.45 19.41
N LYS B 89 6.92 -20.26 20.70
CA LYS B 89 8.00 -19.38 21.16
C LYS B 89 7.82 -17.96 20.64
N ASN B 90 6.64 -17.40 20.93
CA ASN B 90 6.28 -16.03 20.59
C ASN B 90 6.34 -15.76 19.09
N LEU B 91 6.29 -16.81 18.28
CA LEU B 91 6.33 -16.68 16.82
C LEU B 91 5.12 -17.39 16.24
N HIS B 92 4.36 -16.68 15.41
CA HIS B 92 3.11 -17.22 14.86
C HIS B 92 3.42 -17.94 13.56
N PHE B 93 3.19 -19.25 13.54
CA PHE B 93 3.39 -20.07 12.36
C PHE B 93 2.06 -20.31 11.66
N ARG B 94 2.03 -20.08 10.35
CA ARG B 94 0.87 -20.37 9.52
C ARG B 94 1.24 -21.52 8.58
N LEU B 95 0.69 -22.70 8.83
CA LEU B 95 1.00 -23.90 8.08
C LEU B 95 -0.21 -24.25 7.21
N PHE B 96 0.00 -24.27 5.90
CA PHE B 96 -1.08 -24.45 4.94
C PHE B 96 -1.00 -25.85 4.35
N ASP B 97 -2.05 -26.65 4.57
CA ASP B 97 -2.16 -27.99 3.98
C ASP B 97 -2.93 -27.86 2.68
N VAL B 98 -2.21 -27.67 1.59
CA VAL B 98 -2.82 -27.44 0.29
C VAL B 98 -2.88 -28.72 -0.54
N GLY B 99 -2.63 -29.87 0.10
CA GLY B 99 -2.64 -31.14 -0.61
C GLY B 99 -4.00 -31.56 -1.10
N GLY B 100 -5.06 -30.95 -0.59
CA GLY B 100 -6.41 -31.29 -1.03
C GLY B 100 -6.86 -30.62 -2.31
N GLN B 101 -6.04 -29.77 -2.89
CA GLN B 101 -6.39 -29.08 -4.14
C GLN B 101 -6.22 -30.04 -5.30
N ARG B 102 -7.34 -30.40 -5.93
CA ARG B 102 -7.33 -31.34 -7.06
C ARG B 102 -7.20 -30.57 -8.36
N SER B 103 -6.04 -29.90 -8.50
CA SER B 103 -5.74 -29.12 -9.70
C SER B 103 -4.23 -29.02 -9.83
N GLU B 104 -3.79 -28.62 -11.02
CA GLU B 104 -2.36 -28.45 -11.25
C GLU B 104 -1.82 -27.29 -10.43
N ARG B 105 -0.60 -27.46 -9.91
CA ARG B 105 -0.06 -26.52 -8.95
C ARG B 105 0.30 -25.19 -9.59
N LYS B 106 0.75 -25.22 -10.85
CA LYS B 106 1.35 -24.03 -11.46
C LYS B 106 0.38 -22.86 -11.57
N LYS B 107 -0.93 -23.10 -11.55
CA LYS B 107 -1.89 -22.02 -11.68
C LYS B 107 -2.24 -21.37 -10.34
N TRP B 108 -1.82 -21.96 -9.22
CA TRP B 108 -2.05 -21.34 -7.93
C TRP B 108 -0.84 -21.41 -7.00
N ILE B 109 0.28 -21.99 -7.44
CA ILE B 109 1.47 -22.03 -6.59
C ILE B 109 2.13 -20.66 -6.52
N HIS B 110 1.78 -19.74 -7.41
CA HIS B 110 2.38 -18.42 -7.41
C HIS B 110 1.84 -17.52 -6.31
N CYS B 111 0.71 -17.87 -5.70
CA CYS B 111 0.18 -17.10 -4.60
C CYS B 111 0.83 -17.44 -3.27
N PHE B 112 1.69 -18.46 -3.24
CA PHE B 112 2.37 -18.88 -2.02
C PHE B 112 3.81 -18.37 -1.96
N GLU B 113 4.09 -17.23 -2.57
CA GLU B 113 5.40 -16.63 -2.42
C GLU B 113 5.50 -15.90 -1.08
N ASP B 114 6.70 -15.40 -0.79
CA ASP B 114 6.99 -14.66 0.44
C ASP B 114 6.83 -15.53 1.68
N VAL B 115 6.60 -16.83 1.49
CA VAL B 115 6.52 -17.75 2.61
C VAL B 115 7.93 -18.03 3.12
N THR B 116 8.04 -18.30 4.42
CA THR B 116 9.36 -18.56 5.00
C THR B 116 9.96 -19.84 4.45
N ALA B 117 9.19 -20.91 4.35
CA ALA B 117 9.73 -22.19 3.90
C ALA B 117 8.61 -23.06 3.35
N ILE B 118 9.02 -24.09 2.61
CA ILE B 118 8.12 -25.11 2.10
C ILE B 118 8.42 -26.39 2.87
N ILE B 119 7.45 -26.86 3.65
CA ILE B 119 7.62 -28.06 4.45
C ILE B 119 7.27 -29.27 3.59
N PHE B 120 8.23 -30.18 3.44
CA PHE B 120 8.08 -31.35 2.58
C PHE B 120 8.10 -32.59 3.46
N CYS B 121 7.06 -33.43 3.32
CA CYS B 121 6.92 -34.64 4.11
C CYS B 121 6.94 -35.86 3.20
N VAL B 122 7.75 -36.84 3.57
CA VAL B 122 7.89 -38.08 2.81
C VAL B 122 7.82 -39.26 3.76
N ASP B 123 7.00 -40.25 3.41
CA ASP B 123 6.92 -41.50 4.15
C ASP B 123 7.98 -42.44 3.61
N LEU B 124 9.03 -42.67 4.39
CA LEU B 124 10.13 -43.52 3.95
C LEU B 124 9.72 -44.98 3.81
N SER B 125 8.64 -45.40 4.50
CA SER B 125 8.22 -46.79 4.42
C SER B 125 7.68 -47.14 3.04
N ASP B 126 6.86 -46.28 2.46
CA ASP B 126 6.25 -46.57 1.18
C ASP B 126 7.06 -46.06 0.00
N TYR B 127 7.49 -47.03 -0.81
CA TYR B 127 8.25 -46.69 -2.03
C TYR B 127 7.76 -47.57 -3.18
N MET B 140 8.02 -43.22 -3.85
CA MET B 140 9.27 -42.48 -3.77
C MET B 140 9.57 -41.69 -5.04
N HIS B 141 9.28 -42.23 -6.21
CA HIS B 141 9.56 -41.52 -7.46
C HIS B 141 8.69 -40.27 -7.57
N GLU B 142 7.42 -40.37 -7.20
CA GLU B 142 6.54 -39.21 -7.24
C GLU B 142 7.01 -38.12 -6.28
N SER B 143 7.44 -38.52 -5.07
CA SER B 143 7.91 -37.54 -4.10
C SER B 143 9.16 -36.84 -4.61
N LEU B 144 10.12 -37.59 -5.16
CA LEU B 144 11.35 -36.98 -5.67
C LEU B 144 11.05 -36.06 -6.86
N MET B 145 10.18 -36.49 -7.78
CA MET B 145 9.84 -35.66 -8.92
C MET B 145 9.15 -34.37 -8.49
N LEU B 146 8.22 -34.47 -7.53
CA LEU B 146 7.53 -33.27 -7.06
C LEU B 146 8.48 -32.34 -6.32
N PHE B 147 9.42 -32.91 -5.55
CA PHE B 147 10.43 -32.09 -4.89
C PHE B 147 11.30 -31.37 -5.90
N ASP B 148 11.71 -32.07 -6.96
CA ASP B 148 12.50 -31.42 -8.01
C ASP B 148 11.72 -30.31 -8.68
N SER B 149 10.43 -30.54 -8.94
CA SER B 149 9.62 -29.52 -9.61
C SER B 149 9.37 -28.31 -8.70
N ILE B 150 9.27 -28.53 -7.40
CA ILE B 150 8.93 -27.42 -6.50
C ILE B 150 10.17 -26.65 -6.07
N CYS B 151 11.32 -27.32 -5.95
CA CYS B 151 12.54 -26.63 -5.56
C CYS B 151 13.14 -25.82 -6.69
N ASN B 152 12.93 -26.26 -7.93
CA ASN B 152 13.41 -25.55 -9.11
C ASN B 152 12.40 -24.54 -9.64
N ASN B 153 11.27 -24.35 -8.95
CA ASN B 153 10.28 -23.39 -9.39
C ASN B 153 10.84 -21.98 -9.33
N LYS B 154 10.45 -21.15 -10.30
CA LYS B 154 10.97 -19.78 -10.38
C LYS B 154 10.55 -18.97 -9.15
N PHE B 155 9.33 -19.15 -8.67
CA PHE B 155 8.85 -18.39 -7.52
C PHE B 155 9.60 -18.78 -6.25
N PHE B 156 9.95 -20.07 -6.12
CA PHE B 156 10.56 -20.60 -4.90
C PHE B 156 12.06 -20.78 -5.04
N ILE B 157 12.72 -19.88 -5.77
CA ILE B 157 14.18 -19.94 -5.87
C ILE B 157 14.82 -19.61 -4.53
N ASP B 158 14.32 -18.59 -3.85
CA ASP B 158 14.91 -18.17 -2.57
C ASP B 158 14.27 -18.84 -1.37
N THR B 159 13.00 -19.26 -1.47
CA THR B 159 12.31 -19.89 -0.36
C THR B 159 12.85 -21.30 -0.16
N SER B 160 13.68 -21.48 0.87
CA SER B 160 14.26 -22.77 1.16
C SER B 160 13.19 -23.75 1.63
N ILE B 161 13.38 -25.02 1.29
CA ILE B 161 12.38 -26.07 1.55
C ILE B 161 12.85 -26.91 2.73
N ILE B 162 12.01 -27.02 3.74
CA ILE B 162 12.26 -27.95 4.85
C ILE B 162 11.83 -29.34 4.44
N LEU B 163 12.72 -30.31 4.61
CA LEU B 163 12.47 -31.69 4.21
C LEU B 163 12.28 -32.56 5.44
N PHE B 164 11.20 -33.35 5.45
CA PHE B 164 10.92 -34.29 6.52
C PHE B 164 10.88 -35.70 5.95
N LEU B 165 11.59 -36.61 6.61
CA LEU B 165 11.61 -38.03 6.24
C LEU B 165 11.08 -38.79 7.46
N ASN B 166 9.75 -38.93 7.52
CA ASN B 166 9.10 -39.53 8.68
C ASN B 166 9.09 -41.05 8.53
N LYS B 167 8.43 -41.73 9.48
CA LYS B 167 8.34 -43.18 9.51
C LYS B 167 9.74 -43.82 9.48
N LYS B 168 10.65 -43.25 10.27
CA LYS B 168 12.01 -43.77 10.33
C LYS B 168 12.05 -45.18 10.90
N ASP B 169 11.29 -45.42 11.98
CA ASP B 169 11.23 -46.75 12.57
C ASP B 169 10.57 -47.74 11.62
N LEU B 170 9.47 -47.34 10.96
CA LEU B 170 8.85 -48.20 9.96
C LEU B 170 9.81 -48.47 8.81
N PHE B 171 10.57 -47.46 8.40
CA PHE B 171 11.56 -47.65 7.34
C PHE B 171 12.63 -48.65 7.77
N GLY B 172 13.10 -48.56 9.01
CA GLY B 172 14.08 -49.54 9.49
C GLY B 172 13.52 -50.94 9.54
N GLU B 173 12.27 -51.08 9.98
CA GLU B 173 11.63 -52.40 9.97
C GLU B 173 11.51 -52.95 8.56
N LYS B 174 11.11 -52.11 7.60
CA LYS B 174 11.01 -52.56 6.22
C LYS B 174 12.38 -52.94 5.67
N ILE B 175 13.42 -52.18 6.02
CA ILE B 175 14.78 -52.53 5.59
C ILE B 175 15.16 -53.89 6.14
N LYS B 176 14.88 -54.14 7.42
CA LYS B 176 15.13 -55.44 8.01
C LYS B 176 14.28 -56.52 7.34
N LYS B 177 13.15 -56.15 6.74
CA LYS B 177 12.28 -57.09 6.03
C LYS B 177 12.59 -57.17 4.54
N SER B 178 12.72 -56.02 3.87
CA SER B 178 12.93 -55.96 2.43
C SER B 178 14.09 -55.05 2.10
N PRO B 179 14.82 -55.35 1.03
CA PRO B 179 15.94 -54.47 0.63
C PRO B 179 15.44 -53.14 0.10
N LEU B 180 16.35 -52.16 0.10
CA LEU B 180 16.05 -50.81 -0.34
C LEU B 180 16.21 -50.64 -1.84
N THR B 181 16.59 -51.68 -2.57
CA THR B 181 16.79 -51.60 -4.01
C THR B 181 15.50 -51.77 -4.80
N ILE B 182 14.36 -51.92 -4.13
CA ILE B 182 13.09 -52.11 -4.83
C ILE B 182 12.76 -50.88 -5.67
N CYS B 183 12.93 -49.69 -5.10
CA CYS B 183 12.68 -48.44 -5.80
C CYS B 183 13.95 -47.70 -6.15
N PHE B 184 15.12 -48.22 -5.79
CA PHE B 184 16.41 -47.62 -6.11
C PHE B 184 17.31 -48.67 -6.74
N PRO B 185 17.06 -49.02 -8.00
CA PRO B 185 17.91 -50.03 -8.66
C PRO B 185 19.36 -49.62 -8.76
N GLU B 186 19.65 -48.33 -8.88
CA GLU B 186 21.02 -47.86 -9.04
C GLU B 186 21.73 -47.63 -7.71
N TYR B 187 21.07 -47.90 -6.58
CA TYR B 187 21.67 -47.69 -5.27
C TYR B 187 22.57 -48.88 -4.94
N THR B 188 23.88 -48.65 -4.89
CA THR B 188 24.86 -49.67 -4.56
C THR B 188 25.53 -49.29 -3.25
N GLY B 189 25.49 -50.21 -2.28
CA GLY B 189 26.08 -49.97 -0.98
C GLY B 189 25.51 -50.89 0.08
N PRO B 190 25.90 -50.66 1.33
CA PRO B 190 25.36 -51.48 2.43
C PRO B 190 23.85 -51.29 2.57
N ASN B 191 23.19 -52.35 2.99
CA ASN B 191 21.73 -52.37 3.14
C ASN B 191 21.28 -52.02 4.56
N THR B 192 22.08 -51.24 5.29
CA THR B 192 21.70 -50.83 6.64
C THR B 192 20.77 -49.63 6.60
N TYR B 193 20.19 -49.32 7.76
CA TYR B 193 19.24 -48.22 7.85
C TYR B 193 19.94 -46.87 7.70
N GLU B 194 21.11 -46.71 8.30
CA GLU B 194 21.81 -45.43 8.25
C GLU B 194 22.22 -45.08 6.82
N ASP B 195 22.75 -46.05 6.08
CA ASP B 195 23.15 -45.79 4.70
C ASP B 195 21.95 -45.48 3.83
N ALA B 196 20.84 -46.18 4.05
CA ALA B 196 19.62 -45.91 3.27
C ALA B 196 19.11 -44.50 3.55
N ALA B 197 19.10 -44.08 4.82
CA ALA B 197 18.67 -42.74 5.15
C ALA B 197 19.59 -41.69 4.53
N ALA B 198 20.90 -41.93 4.58
CA ALA B 198 21.84 -41.00 3.97
C ALA B 198 21.65 -40.92 2.47
N TYR B 199 21.40 -42.06 1.82
CA TYR B 199 21.17 -42.06 0.38
C TYR B 199 19.89 -41.32 0.02
N ILE B 200 18.83 -41.50 0.80
CA ILE B 200 17.59 -40.76 0.55
C ILE B 200 17.80 -39.26 0.71
N GLN B 201 18.52 -38.87 1.78
CA GLN B 201 18.79 -37.45 1.99
C GLN B 201 19.62 -36.87 0.85
N ALA B 202 20.62 -37.62 0.39
CA ALA B 202 21.44 -37.14 -0.73
C ALA B 202 20.63 -37.04 -2.01
N GLN B 203 19.76 -38.02 -2.27
CA GLN B 203 18.92 -37.98 -3.47
C GLN B 203 17.93 -36.83 -3.42
N PHE B 204 17.45 -36.45 -2.24
CA PHE B 204 16.57 -35.30 -2.14
C PHE B 204 17.30 -33.97 -2.24
N GLU B 205 18.51 -33.89 -1.68
CA GLU B 205 19.29 -32.66 -1.78
C GLU B 205 19.94 -32.48 -3.14
N SER B 206 20.02 -33.53 -3.95
CA SER B 206 20.55 -33.42 -5.31
C SER B 206 19.53 -32.93 -6.32
N LYS B 207 18.42 -32.34 -5.86
CA LYS B 207 17.38 -31.85 -6.76
C LYS B 207 17.38 -30.35 -6.93
N ASN B 208 17.95 -29.59 -6.00
CA ASN B 208 18.01 -28.15 -6.10
C ASN B 208 19.31 -27.71 -6.78
N ARG B 209 19.26 -26.53 -7.40
CA ARG B 209 20.40 -26.00 -8.11
C ARG B 209 20.69 -24.54 -7.77
N SER B 210 19.99 -23.95 -6.82
CA SER B 210 20.22 -22.56 -6.43
C SER B 210 20.97 -22.51 -5.12
N PRO B 211 22.19 -21.98 -5.07
CA PRO B 211 22.92 -21.90 -3.81
C PRO B 211 22.25 -21.02 -2.76
N ASN B 212 21.35 -20.13 -3.16
CA ASN B 212 20.70 -19.23 -2.22
C ASN B 212 19.74 -19.95 -1.28
N LYS B 213 19.40 -21.20 -1.55
CA LYS B 213 18.48 -21.97 -0.71
C LYS B 213 19.16 -23.21 -0.18
N GLU B 214 18.74 -23.63 1.01
CA GLU B 214 19.24 -24.86 1.63
C GLU B 214 18.07 -25.74 2.03
N ILE B 215 18.25 -27.04 1.89
CA ILE B 215 17.23 -28.03 2.23
C ILE B 215 17.53 -28.57 3.62
N TYR B 216 16.62 -28.35 4.55
CA TYR B 216 16.76 -28.83 5.92
C TYR B 216 16.11 -30.21 6.03
N CYS B 217 16.91 -31.22 6.33
CA CYS B 217 16.45 -32.60 6.38
C CYS B 217 16.30 -33.05 7.83
N HIS B 218 15.15 -33.62 8.16
CA HIS B 218 14.90 -34.14 9.49
C HIS B 218 14.20 -35.49 9.37
N MET B 219 14.48 -36.37 10.34
CA MET B 219 13.90 -37.70 10.38
C MET B 219 13.02 -37.84 11.61
N THR B 220 11.85 -38.43 11.42
CA THR B 220 10.88 -38.61 12.50
C THR B 220 10.40 -40.06 12.50
N CYS B 221 10.04 -40.53 13.69
CA CYS B 221 9.55 -41.90 13.88
C CYS B 221 8.03 -41.95 14.05
N ALA B 222 7.33 -40.86 13.72
CA ALA B 222 5.87 -40.74 13.84
C ALA B 222 5.38 -40.91 15.27
N THR B 223 6.26 -40.78 16.26
CA THR B 223 5.86 -40.90 17.65
C THR B 223 6.52 -39.83 18.53
N ASP B 224 7.17 -38.84 17.95
CA ASP B 224 7.84 -37.78 18.70
C ASP B 224 7.25 -36.43 18.30
N THR B 225 7.02 -35.58 19.30
CA THR B 225 6.44 -34.27 19.08
C THR B 225 7.50 -33.18 18.91
N ASN B 226 8.78 -33.54 18.90
CA ASN B 226 9.86 -32.57 18.78
C ASN B 226 10.16 -32.20 17.33
N ASN B 227 9.24 -32.46 16.40
CA ASN B 227 9.42 -32.08 15.01
C ASN B 227 9.11 -30.62 14.75
N ALA B 228 8.58 -29.91 15.74
CA ALA B 228 8.28 -28.48 15.58
C ALA B 228 9.48 -27.62 15.96
N GLN B 229 10.33 -28.10 16.89
CA GLN B 229 11.56 -27.37 17.21
C GLN B 229 12.48 -27.28 16.00
N VAL B 230 12.55 -28.36 15.22
CA VAL B 230 13.30 -28.33 13.97
C VAL B 230 12.71 -27.29 13.03
N ILE B 231 11.37 -27.28 12.93
CA ILE B 231 10.70 -26.27 12.12
C ILE B 231 11.03 -24.87 12.63
N PHE B 232 11.03 -24.68 13.95
CA PHE B 232 11.29 -23.36 14.51
C PHE B 232 12.70 -22.89 14.19
N ASP B 233 13.70 -23.76 14.37
CA ASP B 233 15.08 -23.33 14.12
C ASP B 233 15.33 -23.10 12.64
N ALA B 234 14.75 -23.95 11.77
CA ALA B 234 14.86 -23.70 10.34
C ALA B 234 14.23 -22.38 9.96
N VAL B 235 13.05 -22.07 10.52
CA VAL B 235 12.38 -20.81 10.22
C VAL B 235 13.22 -19.63 10.70
N THR B 236 13.81 -19.73 11.89
CA THR B 236 14.67 -18.65 12.38
C THR B 236 15.87 -18.45 11.46
N ASP B 237 16.49 -19.54 11.01
CA ASP B 237 17.62 -19.43 10.08
C ASP B 237 17.19 -18.75 8.79
N ILE B 238 16.03 -19.12 8.26
CA ILE B 238 15.55 -18.51 7.02
C ILE B 238 15.25 -17.04 7.23
N ILE B 239 14.69 -16.68 8.38
CA ILE B 239 14.42 -15.28 8.68
C ILE B 239 15.72 -14.49 8.74
N ILE B 240 16.74 -15.06 9.37
CA ILE B 240 18.04 -14.38 9.44
C ILE B 240 18.60 -14.18 8.03
N ALA B 241 18.53 -15.22 7.20
CA ALA B 241 19.06 -15.12 5.84
C ALA B 241 18.29 -14.08 5.03
N ASN B 242 16.96 -14.07 5.14
CA ASN B 242 16.15 -13.12 4.38
C ASN B 242 16.39 -11.70 4.84
N ASN B 243 16.53 -11.48 6.16
CA ASN B 243 16.81 -10.14 6.66
C ASN B 243 18.19 -9.67 6.20
N LEU B 244 19.17 -10.57 6.20
CA LEU B 244 20.50 -10.21 5.69
C LEU B 244 20.45 -9.87 4.22
N ARG B 245 19.69 -10.64 3.42
CA ARG B 245 19.57 -10.35 2.00
C ARG B 245 18.88 -9.02 1.75
N GLY B 246 17.83 -8.72 2.52
CA GLY B 246 17.09 -7.49 2.33
C GLY B 246 17.85 -6.24 2.70
N CYS B 247 18.85 -6.36 3.58
CA CYS B 247 19.69 -5.23 3.95
C CYS B 247 20.85 -5.03 2.99
N GLY B 248 21.00 -5.90 1.99
CA GLY B 248 22.11 -5.82 1.07
C GLY B 248 23.42 -6.33 1.60
N LEU B 249 23.44 -6.89 2.81
CA LEU B 249 24.66 -7.36 3.45
C LEU B 249 24.92 -8.85 3.20
N TYR B 250 24.01 -9.53 2.50
CA TYR B 250 24.18 -10.94 2.20
C TYR B 250 24.31 -11.18 0.71
N SER C 8 -15.50 -45.99 -19.60
CA SER C 8 -15.11 -44.82 -20.37
C SER C 8 -16.01 -44.63 -21.59
N ILE C 9 -16.96 -45.56 -21.77
CA ILE C 9 -17.89 -45.47 -22.88
C ILE C 9 -18.79 -44.23 -22.73
N ALA C 10 -19.26 -43.97 -21.50
CA ALA C 10 -20.12 -42.82 -21.28
C ALA C 10 -19.41 -41.51 -21.56
N GLN C 11 -18.13 -41.41 -21.15
CA GLN C 11 -17.38 -40.19 -21.42
C GLN C 11 -17.20 -39.96 -22.92
N ALA C 12 -16.89 -41.02 -23.67
CA ALA C 12 -16.75 -40.88 -25.11
C ALA C 12 -18.08 -40.53 -25.76
N ARG C 13 -19.17 -41.11 -25.28
CA ARG C 13 -20.49 -40.76 -25.81
C ARG C 13 -20.82 -39.29 -25.56
N LYS C 14 -20.52 -38.80 -24.35
CA LYS C 14 -20.75 -37.39 -24.07
C LYS C 14 -19.89 -36.50 -24.94
N LEU C 15 -18.63 -36.89 -25.15
CA LEU C 15 -17.73 -36.09 -25.99
C LEU C 15 -18.23 -36.03 -27.43
N VAL C 16 -18.64 -37.17 -27.99
CA VAL C 16 -19.12 -37.16 -29.36
C VAL C 16 -20.45 -36.43 -29.49
N GLU C 17 -21.31 -36.50 -28.46
CA GLU C 17 -22.54 -35.73 -28.48
C GLU C 17 -22.26 -34.24 -28.47
N GLN C 18 -21.31 -33.80 -27.64
CA GLN C 18 -20.93 -32.39 -27.63
C GLN C 18 -20.34 -31.97 -28.96
N LEU C 19 -19.52 -32.83 -29.57
CA LEU C 19 -18.95 -32.52 -30.87
C LEU C 19 -20.04 -32.39 -31.94
N LYS C 20 -21.02 -33.28 -31.91
CA LYS C 20 -22.13 -33.20 -32.85
C LYS C 20 -22.93 -31.92 -32.64
N MET C 21 -23.17 -31.55 -31.39
CA MET C 21 -23.90 -30.31 -31.11
C MET C 21 -23.13 -29.09 -31.61
N GLU C 22 -21.82 -29.08 -31.40
CA GLU C 22 -21.00 -27.95 -31.86
C GLU C 22 -20.93 -27.88 -33.38
N ALA C 23 -20.86 -29.05 -34.04
CA ALA C 23 -20.69 -29.07 -35.49
C ALA C 23 -21.92 -28.54 -36.23
N ASN C 24 -23.08 -28.49 -35.57
CA ASN C 24 -24.31 -28.00 -36.19
C ASN C 24 -24.52 -26.51 -35.97
N ILE C 25 -23.45 -25.75 -35.75
CA ILE C 25 -23.53 -24.32 -35.53
C ILE C 25 -23.17 -23.61 -36.83
N ASP C 26 -24.05 -22.72 -37.28
CA ASP C 26 -23.78 -21.97 -38.50
C ASP C 26 -22.59 -21.05 -38.32
N ARG C 27 -21.76 -20.96 -39.37
CA ARG C 27 -20.54 -20.16 -39.35
C ARG C 27 -20.63 -19.10 -40.44
N ILE C 28 -20.39 -17.85 -40.06
CA ILE C 28 -20.33 -16.76 -41.01
C ILE C 28 -18.90 -16.62 -41.53
N LYS C 29 -18.75 -15.90 -42.63
CA LYS C 29 -17.42 -15.65 -43.19
C LYS C 29 -16.59 -14.82 -42.22
N VAL C 30 -15.29 -15.12 -42.17
CA VAL C 30 -14.38 -14.35 -41.33
C VAL C 30 -14.34 -12.90 -41.79
N SER C 31 -14.47 -12.67 -43.10
CA SER C 31 -14.51 -11.30 -43.61
C SER C 31 -15.71 -10.53 -43.05
N LYS C 32 -16.85 -11.20 -42.90
CA LYS C 32 -18.02 -10.54 -42.35
C LYS C 32 -17.79 -10.14 -40.89
N ALA C 33 -17.20 -11.02 -40.09
CA ALA C 33 -16.90 -10.69 -38.71
C ALA C 33 -15.88 -9.56 -38.63
N ALA C 34 -14.86 -9.59 -39.49
CA ALA C 34 -13.88 -8.52 -39.51
C ALA C 34 -14.54 -7.19 -39.86
N ALA C 35 -15.45 -7.20 -40.84
CA ALA C 35 -16.13 -5.97 -41.25
C ALA C 35 -17.04 -5.46 -40.14
N ASP C 36 -17.75 -6.35 -39.43
CA ASP C 36 -18.63 -5.87 -38.37
C ASP C 36 -17.84 -5.34 -37.18
N LEU C 37 -16.71 -5.97 -36.85
CA LEU C 37 -15.84 -5.42 -35.82
C LEU C 37 -15.27 -4.07 -36.25
N MET C 38 -14.90 -3.94 -37.52
CA MET C 38 -14.45 -2.66 -38.06
C MET C 38 -15.53 -1.59 -37.91
N ALA C 39 -16.77 -1.93 -38.25
CA ALA C 39 -17.86 -0.96 -38.15
C ALA C 39 -18.10 -0.55 -36.70
N TYR C 40 -18.08 -1.52 -35.79
CA TYR C 40 -18.28 -1.17 -34.38
C TYR C 40 -17.14 -0.32 -33.84
N CYS C 41 -15.91 -0.63 -34.24
CA CYS C 41 -14.76 0.16 -33.80
C CYS C 41 -14.80 1.58 -34.33
N GLU C 42 -15.19 1.76 -35.60
CA GLU C 42 -15.20 3.08 -36.20
C GLU C 42 -16.38 3.92 -35.75
N ALA C 43 -17.54 3.29 -35.52
CA ALA C 43 -18.72 4.04 -35.12
C ALA C 43 -18.56 4.61 -33.70
N HIS C 44 -17.94 3.84 -32.80
CA HIS C 44 -17.78 4.24 -31.41
C HIS C 44 -16.41 4.85 -31.13
N ALA C 45 -15.61 5.10 -32.17
CA ALA C 45 -14.30 5.71 -31.95
C ALA C 45 -14.41 7.13 -31.43
N LYS C 46 -15.49 7.83 -31.77
CA LYS C 46 -15.66 9.21 -31.30
C LYS C 46 -15.87 9.25 -29.79
N GLU C 47 -16.60 8.29 -29.25
CA GLU C 47 -16.93 8.26 -27.82
C GLU C 47 -16.00 7.35 -27.04
N ASP C 48 -14.73 7.27 -27.43
CA ASP C 48 -13.74 6.46 -26.73
C ASP C 48 -12.69 7.39 -26.13
N PRO C 49 -12.77 7.70 -24.83
CA PRO C 49 -11.82 8.66 -24.24
C PRO C 49 -10.40 8.14 -24.13
N LEU C 50 -10.13 6.94 -24.65
CA LEU C 50 -8.80 6.34 -24.56
C LEU C 50 -8.00 6.51 -25.84
N LEU C 51 -8.57 6.16 -27.00
CA LEU C 51 -7.86 6.34 -28.26
C LEU C 51 -7.86 7.80 -28.70
N THR C 52 -8.92 8.55 -28.40
CA THR C 52 -8.91 9.99 -28.58
C THR C 52 -8.68 10.64 -27.22
N PRO C 53 -7.58 11.38 -27.04
CA PRO C 53 -7.36 12.05 -25.75
C PRO C 53 -8.47 13.04 -25.44
N VAL C 54 -8.88 13.07 -24.18
CA VAL C 54 -9.97 13.92 -23.73
C VAL C 54 -9.39 15.18 -23.10
N PRO C 55 -9.96 16.36 -23.35
CA PRO C 55 -9.44 17.58 -22.73
C PRO C 55 -9.54 17.52 -21.21
N ALA C 56 -8.59 18.19 -20.55
CA ALA C 56 -8.53 18.17 -19.09
C ALA C 56 -9.78 18.73 -18.43
N SER C 57 -10.49 19.64 -19.11
CA SER C 57 -11.74 20.16 -18.55
C SER C 57 -12.79 19.05 -18.45
N GLU C 58 -12.89 18.22 -19.48
CA GLU C 58 -13.81 17.09 -19.45
C GLU C 58 -13.22 15.89 -18.73
N ASN C 59 -11.92 15.90 -18.48
CA ASN C 59 -11.27 14.76 -17.82
C ASN C 59 -11.70 14.70 -16.36
N PRO C 60 -12.26 13.57 -15.91
CA PRO C 60 -12.60 13.45 -14.48
C PRO C 60 -11.43 13.06 -13.59
N PHE C 61 -10.37 12.47 -14.15
CA PHE C 61 -9.20 12.07 -13.39
C PHE C 61 -8.06 13.07 -13.48
N ARG C 62 -8.29 14.21 -14.13
CA ARG C 62 -7.25 15.23 -14.27
C ARG C 62 -6.93 15.89 -12.92
N ASP D 1 -33.83 -5.35 14.93
CA ASP D 1 -33.93 -4.28 13.95
C ASP D 1 -33.13 -3.05 14.40
N VAL D 2 -32.98 -2.09 13.48
CA VAL D 2 -32.28 -0.85 13.81
C VAL D 2 -33.16 0.00 14.72
N GLN D 3 -32.60 0.44 15.85
CA GLN D 3 -33.37 1.18 16.83
C GLN D 3 -32.46 2.16 17.55
N LEU D 4 -32.94 3.40 17.71
CA LEU D 4 -32.27 4.43 18.50
C LEU D 4 -33.22 4.90 19.58
N VAL D 5 -32.76 4.87 20.83
CA VAL D 5 -33.57 5.25 21.98
C VAL D 5 -32.79 6.27 22.80
N GLU D 6 -33.43 7.41 23.09
CA GLU D 6 -32.83 8.45 23.89
C GLU D 6 -33.42 8.43 25.30
N SER D 7 -32.64 8.94 26.26
CA SER D 7 -33.07 8.99 27.65
C SER D 7 -32.40 10.17 28.32
N GLY D 8 -32.99 10.60 29.44
CA GLY D 8 -32.46 11.72 30.19
C GLY D 8 -33.19 13.02 29.95
N GLY D 9 -34.52 12.96 29.91
CA GLY D 9 -35.36 14.11 29.68
C GLY D 9 -36.24 14.40 30.89
N GLY D 10 -36.58 15.67 31.07
CA GLY D 10 -37.44 16.07 32.17
C GLY D 10 -37.30 17.55 32.43
N LEU D 11 -38.06 17.99 33.44
CA LEU D 11 -38.04 19.40 33.84
C LEU D 11 -36.71 19.73 34.51
N VAL D 12 -36.05 20.78 34.03
CA VAL D 12 -34.75 21.20 34.53
C VAL D 12 -34.84 22.68 34.90
N GLN D 13 -34.33 23.02 36.09
CA GLN D 13 -34.30 24.42 36.50
C GLN D 13 -33.34 25.20 35.61
N PRO D 14 -33.66 26.45 35.28
CA PRO D 14 -32.77 27.24 34.41
C PRO D 14 -31.41 27.45 35.06
N GLY D 15 -30.38 27.50 34.23
CA GLY D 15 -29.03 27.68 34.68
C GLY D 15 -28.31 26.41 35.10
N GLY D 16 -28.98 25.26 35.04
CA GLY D 16 -28.39 24.00 35.42
C GLY D 16 -27.76 23.27 34.24
N SER D 17 -27.54 21.97 34.45
CA SER D 17 -26.94 21.12 33.42
C SER D 17 -27.64 19.77 33.43
N ARG D 18 -27.53 19.07 32.30
CA ARG D 18 -28.16 17.76 32.16
C ARG D 18 -27.42 16.98 31.08
N LYS D 19 -27.44 15.66 31.20
CA LYS D 19 -26.81 14.76 30.25
C LYS D 19 -27.89 13.96 29.54
N LEU D 20 -27.90 14.01 28.21
CA LEU D 20 -28.84 13.26 27.38
C LEU D 20 -28.11 12.13 26.70
N SER D 21 -28.57 10.90 26.92
CA SER D 21 -27.94 9.71 26.40
C SER D 21 -28.79 9.10 25.30
N CYS D 22 -28.18 8.79 24.16
CA CYS D 22 -28.84 8.17 23.02
C CYS D 22 -28.34 6.74 22.91
N SER D 23 -29.08 5.80 23.48
CA SER D 23 -28.73 4.38 23.36
C SER D 23 -29.02 3.89 21.95
N ALA D 24 -28.12 3.07 21.42
CA ALA D 24 -28.22 2.57 20.06
C ALA D 24 -28.03 1.06 20.03
N SER D 25 -28.70 0.42 19.07
CA SER D 25 -28.59 -1.02 18.89
C SER D 25 -29.04 -1.36 17.48
N GLY D 26 -28.65 -2.56 17.04
CA GLY D 26 -29.06 -3.06 15.73
C GLY D 26 -28.23 -2.58 14.56
N PHE D 27 -27.20 -1.78 14.80
CA PHE D 27 -26.35 -1.30 13.71
C PHE D 27 -24.96 -1.00 14.25
N ALA D 28 -24.01 -0.88 13.32
CA ALA D 28 -22.62 -0.60 13.67
C ALA D 28 -22.45 0.86 14.07
N PHE D 29 -22.57 1.15 15.37
CA PHE D 29 -22.48 2.53 15.84
C PHE D 29 -21.10 3.11 15.61
N SER D 30 -20.05 2.29 15.73
CA SER D 30 -18.68 2.78 15.64
C SER D 30 -18.36 3.39 14.28
N SER D 31 -19.08 2.98 13.23
CA SER D 31 -18.81 3.46 11.87
C SER D 31 -19.88 4.44 11.38
N PHE D 32 -20.63 5.06 12.29
CA PHE D 32 -21.66 6.01 11.94
C PHE D 32 -21.41 7.36 12.61
N GLY D 33 -21.75 8.42 11.89
CA GLY D 33 -21.66 9.76 12.45
C GLY D 33 -22.99 10.21 13.03
N MET D 34 -23.11 10.18 14.36
CA MET D 34 -24.37 10.45 15.04
C MET D 34 -24.59 11.96 15.16
N HIS D 35 -25.77 12.40 14.74
CA HIS D 35 -26.18 13.79 14.85
C HIS D 35 -27.10 13.99 16.05
N TRP D 36 -27.35 15.27 16.36
CA TRP D 36 -28.29 15.66 17.40
C TRP D 36 -29.14 16.79 16.85
N VAL D 37 -30.40 16.51 16.53
CA VAL D 37 -31.31 17.47 15.92
C VAL D 37 -32.40 17.80 16.93
N ARG D 38 -32.60 19.09 17.17
CA ARG D 38 -33.58 19.58 18.12
C ARG D 38 -34.83 20.06 17.40
N GLN D 39 -35.98 19.83 18.01
CA GLN D 39 -37.27 20.26 17.46
C GLN D 39 -38.04 20.99 18.54
N ALA D 40 -38.35 22.26 18.30
CA ALA D 40 -39.14 23.04 19.25
C ALA D 40 -40.55 22.48 19.33
N PRO D 41 -41.23 22.69 20.47
CA PRO D 41 -42.60 22.16 20.61
C PRO D 41 -43.57 22.66 19.56
N GLU D 42 -43.40 23.89 19.08
CA GLU D 42 -44.30 24.46 18.08
C GLU D 42 -43.59 24.86 16.80
N LYS D 43 -42.26 24.85 16.76
CA LYS D 43 -41.50 25.23 15.58
C LYS D 43 -40.89 24.00 14.92
N GLY D 44 -40.09 24.24 13.88
CA GLY D 44 -39.49 23.18 13.12
C GLY D 44 -38.20 22.66 13.72
N LEU D 45 -37.54 21.80 12.95
CA LEU D 45 -36.29 21.18 13.39
C LEU D 45 -35.16 22.21 13.40
N GLU D 46 -34.15 21.94 14.21
CA GLU D 46 -32.96 22.78 14.27
C GLU D 46 -31.76 21.94 14.68
N TRP D 47 -30.72 21.97 13.86
CA TRP D 47 -29.50 21.22 14.15
C TRP D 47 -28.80 21.78 15.38
N VAL D 48 -28.20 20.88 16.16
CA VAL D 48 -27.55 21.22 17.42
C VAL D 48 -26.08 20.85 17.40
N ALA D 49 -25.77 19.58 17.12
CA ALA D 49 -24.38 19.12 17.17
C ALA D 49 -24.22 17.93 16.24
N TYR D 50 -22.97 17.64 15.91
CA TYR D 50 -22.63 16.53 15.04
C TYR D 50 -21.29 15.96 15.45
N ILE D 51 -21.20 14.63 15.48
CA ILE D 51 -19.96 13.92 15.79
C ILE D 51 -19.82 12.76 14.81
N SER D 52 -18.61 12.56 14.30
CA SER D 52 -18.35 11.58 13.27
C SER D 52 -17.80 10.29 13.88
N SER D 53 -17.55 9.30 13.02
CA SER D 53 -16.94 8.06 13.45
C SER D 53 -15.52 8.33 13.97
N GLY D 54 -15.20 7.76 15.12
CA GLY D 54 -13.93 8.00 15.76
C GLY D 54 -13.83 9.31 16.52
N SER D 55 -14.92 10.08 16.60
CA SER D 55 -14.94 11.36 17.30
C SER D 55 -13.87 12.30 16.76
N GLY D 56 -13.71 12.31 15.44
CA GLY D 56 -12.72 13.15 14.80
C GLY D 56 -13.11 14.61 14.73
N THR D 57 -14.19 14.90 14.02
CA THR D 57 -14.69 16.26 13.85
C THR D 57 -16.00 16.42 14.59
N ILE D 58 -16.08 17.45 15.43
CA ILE D 58 -17.29 17.79 16.17
C ILE D 58 -17.66 19.22 15.82
N TYR D 59 -18.86 19.41 15.29
CA TYR D 59 -19.36 20.72 14.90
C TYR D 59 -20.54 21.11 15.78
N TYR D 60 -20.89 22.40 15.74
CA TYR D 60 -21.87 22.91 16.69
C TYR D 60 -22.69 24.00 16.02
N ALA D 61 -23.87 24.24 16.58
CA ALA D 61 -24.76 25.27 16.06
C ALA D 61 -24.29 26.66 16.53
N ASP D 62 -24.85 27.69 15.89
CA ASP D 62 -24.48 29.06 16.23
C ASP D 62 -24.92 29.40 17.65
N THR D 63 -26.10 28.95 18.07
CA THR D 63 -26.64 29.22 19.39
C THR D 63 -26.39 28.09 20.38
N VAL D 64 -25.54 27.12 20.02
CA VAL D 64 -25.29 25.96 20.86
C VAL D 64 -23.80 25.87 21.19
N LYS D 65 -22.97 26.41 20.31
CA LYS D 65 -21.53 26.30 20.47
C LYS D 65 -21.06 26.99 21.75
N GLY D 66 -20.16 26.33 22.47
CA GLY D 66 -19.60 26.86 23.70
C GLY D 66 -20.29 26.39 24.97
N ARG D 67 -21.46 25.79 24.86
CA ARG D 67 -22.21 25.33 26.03
C ARG D 67 -22.48 23.83 26.03
N PHE D 68 -22.82 23.25 24.88
CA PHE D 68 -23.14 21.84 24.81
C PHE D 68 -21.86 21.01 24.66
N THR D 69 -22.02 19.69 24.67
CA THR D 69 -20.89 18.77 24.52
C THR D 69 -21.41 17.47 23.94
N ILE D 70 -20.97 17.13 22.73
CA ILE D 70 -21.41 15.92 22.04
C ILE D 70 -20.29 14.90 22.08
N SER D 71 -20.58 13.73 22.64
CA SER D 71 -19.60 12.66 22.76
C SER D 71 -20.27 11.32 22.50
N ARG D 72 -19.45 10.34 22.13
CA ARG D 72 -19.92 8.99 21.85
C ARG D 72 -19.27 8.01 22.82
N ASP D 73 -19.90 6.83 22.94
CA ASP D 73 -19.34 5.68 23.65
C ASP D 73 -19.46 4.49 22.71
N ASP D 74 -18.46 4.33 21.84
CA ASP D 74 -18.50 3.25 20.86
C ASP D 74 -18.50 1.86 21.50
N PRO D 75 -17.64 1.54 22.47
CA PRO D 75 -17.75 0.22 23.13
C PRO D 75 -19.09 0.01 23.80
N LYS D 76 -19.69 1.05 24.37
CA LYS D 76 -21.03 0.94 24.96
C LYS D 76 -22.13 1.12 23.93
N ASN D 77 -21.80 1.52 22.70
CA ASN D 77 -22.76 1.69 21.62
C ASN D 77 -23.87 2.66 22.01
N THR D 78 -23.49 3.78 22.62
CA THR D 78 -24.43 4.83 23.02
C THR D 78 -23.86 6.19 22.62
N LEU D 79 -24.77 7.12 22.37
CA LEU D 79 -24.42 8.50 22.05
C LEU D 79 -24.82 9.42 23.19
N PHE D 80 -24.02 10.46 23.41
CA PHE D 80 -24.23 11.39 24.51
C PHE D 80 -24.29 12.82 23.98
N LEU D 81 -24.96 13.68 24.74
CA LEU D 81 -24.99 15.12 24.43
C LEU D 81 -25.04 15.86 25.77
N GLN D 82 -23.87 16.20 26.29
CA GLN D 82 -23.79 16.96 27.53
C GLN D 82 -24.10 18.43 27.27
N MET D 83 -25.01 19.00 28.06
CA MET D 83 -25.41 20.39 27.90
C MET D 83 -25.42 21.08 29.25
N THR D 84 -24.94 22.33 29.26
CA THR D 84 -24.81 23.11 30.48
C THR D 84 -25.40 24.50 30.26
N SER D 85 -25.82 25.13 31.37
CA SER D 85 -26.40 26.47 31.36
C SER D 85 -27.61 26.53 30.43
N LEU D 86 -28.63 25.75 30.78
CA LEU D 86 -29.81 25.60 29.95
C LEU D 86 -30.61 26.90 29.94
N ARG D 87 -30.58 27.62 28.82
CA ARG D 87 -31.40 28.81 28.66
C ARG D 87 -32.85 28.40 28.34
N SER D 88 -33.73 29.39 28.38
CA SER D 88 -35.15 29.15 28.11
C SER D 88 -35.42 28.75 26.67
N GLU D 89 -34.47 28.97 25.76
CA GLU D 89 -34.65 28.64 24.35
C GLU D 89 -34.32 27.18 24.04
N ASP D 90 -33.85 26.40 25.02
CA ASP D 90 -33.54 25.00 24.83
C ASP D 90 -34.69 24.07 25.18
N THR D 91 -35.86 24.63 25.51
CA THR D 91 -37.02 23.82 25.85
C THR D 91 -37.60 23.18 24.60
N ALA D 92 -37.17 21.96 24.28
CA ALA D 92 -37.57 21.32 23.04
C ALA D 92 -37.26 19.83 23.11
N MET D 93 -37.74 19.11 22.10
CA MET D 93 -37.51 17.68 21.98
C MET D 93 -36.23 17.43 21.21
N TYR D 94 -35.36 16.59 21.74
CA TYR D 94 -34.07 16.30 21.13
C TYR D 94 -34.13 14.95 20.42
N TYR D 95 -33.78 14.94 19.14
CA TYR D 95 -33.78 13.73 18.33
C TYR D 95 -32.36 13.24 18.09
N CYS D 96 -32.21 11.93 17.95
CA CYS D 96 -30.93 11.29 17.71
C CYS D 96 -30.90 10.77 16.29
N VAL D 97 -29.93 11.22 15.51
CA VAL D 97 -29.85 10.93 14.07
C VAL D 97 -28.51 10.27 13.77
N ARG D 98 -28.55 9.17 13.03
CA ARG D 98 -27.35 8.52 12.54
C ARG D 98 -27.12 8.90 11.08
N SER D 99 -25.86 8.91 10.68
CA SER D 99 -25.50 9.28 9.31
C SER D 99 -24.10 8.76 9.01
N ILE D 100 -23.97 7.96 7.97
CA ILE D 100 -22.69 7.44 7.51
C ILE D 100 -22.33 8.14 6.20
N TYR D 101 -21.06 8.53 6.07
CA TYR D 101 -20.62 9.38 4.97
C TYR D 101 -19.62 8.63 4.10
N TYR D 102 -20.03 8.33 2.87
CA TYR D 102 -19.13 7.85 1.82
C TYR D 102 -19.83 8.09 0.49
N TYR D 103 -19.19 7.65 -0.59
CA TYR D 103 -19.79 7.82 -1.91
C TYR D 103 -21.02 6.93 -2.05
N GLY D 104 -22.16 7.55 -2.33
CA GLY D 104 -23.41 6.83 -2.45
C GLY D 104 -24.12 6.52 -1.15
N SER D 105 -23.63 7.05 -0.02
CA SER D 105 -24.23 6.78 1.27
C SER D 105 -25.52 7.59 1.43
N SER D 106 -26.27 7.28 2.49
CA SER D 106 -27.57 7.89 2.78
C SER D 106 -27.54 8.45 4.18
N PRO D 107 -27.02 9.66 4.37
CA PRO D 107 -26.99 10.26 5.70
C PRO D 107 -28.40 10.62 6.17
N PHE D 108 -28.53 10.75 7.50
CA PHE D 108 -29.79 11.12 8.15
C PHE D 108 -30.88 10.10 7.88
N ASP D 109 -30.50 8.84 7.63
CA ASP D 109 -31.47 7.85 7.20
C ASP D 109 -32.41 7.42 8.33
N PHE D 110 -31.86 7.19 9.52
CA PHE D 110 -32.64 6.67 10.64
C PHE D 110 -32.65 7.68 11.78
N TRP D 111 -33.84 7.96 12.30
CA TRP D 111 -34.03 8.92 13.38
C TRP D 111 -34.48 8.18 14.64
N GLY D 112 -34.03 8.68 15.79
CA GLY D 112 -34.46 8.13 17.06
C GLY D 112 -35.85 8.57 17.45
N GLN D 113 -36.36 7.96 18.53
CA GLN D 113 -37.70 8.28 19.00
C GLN D 113 -37.78 9.73 19.49
N GLY D 114 -36.78 10.19 20.21
CA GLY D 114 -36.76 11.55 20.71
C GLY D 114 -37.07 11.66 22.19
N THR D 115 -36.34 12.53 22.88
CA THR D 115 -36.55 12.77 24.31
C THR D 115 -36.96 14.22 24.52
N THR D 116 -37.84 14.44 25.50
CA THR D 116 -38.39 15.75 25.76
C THR D 116 -37.64 16.41 26.91
N LEU D 117 -37.09 17.60 26.65
CA LEU D 117 -36.41 18.40 27.66
C LEU D 117 -37.15 19.71 27.84
N THR D 118 -37.49 20.03 29.09
CA THR D 118 -38.22 21.25 29.42
C THR D 118 -37.47 22.01 30.50
N VAL D 119 -37.35 23.31 30.33
CA VAL D 119 -36.69 24.19 31.30
C VAL D 119 -37.73 25.22 31.74
N SER D 120 -37.95 25.30 33.06
CA SER D 120 -38.93 26.23 33.61
C SER D 120 -38.28 27.57 33.92
N GLY D 135 -24.91 34.72 10.23
CA GLY D 135 -24.69 35.65 9.13
C GLY D 135 -24.42 34.96 7.81
N SER D 136 -23.31 34.22 7.75
CA SER D 136 -22.92 33.50 6.54
C SER D 136 -23.61 32.14 6.43
N ASP D 137 -24.39 31.74 7.43
CA ASP D 137 -25.07 30.45 7.37
C ASP D 137 -26.15 30.47 6.29
N ILE D 138 -26.30 29.34 5.60
CA ILE D 138 -27.33 29.22 4.57
C ILE D 138 -28.71 29.25 5.22
N VAL D 139 -29.59 30.11 4.70
CA VAL D 139 -30.93 30.28 5.23
C VAL D 139 -31.89 29.56 4.29
N MET D 140 -32.55 28.53 4.80
CA MET D 140 -33.53 27.76 4.03
C MET D 140 -34.93 28.22 4.42
N THR D 141 -35.66 28.76 3.46
CA THR D 141 -36.99 29.32 3.70
C THR D 141 -38.01 28.52 2.91
N GLN D 142 -39.06 28.06 3.59
CA GLN D 142 -40.17 27.35 2.97
C GLN D 142 -41.38 28.29 2.97
N ALA D 143 -41.74 28.80 1.80
CA ALA D 143 -42.84 29.76 1.70
C ALA D 143 -44.16 29.12 2.10
N THR D 144 -44.41 27.89 1.66
CA THR D 144 -45.66 27.20 1.94
C THR D 144 -45.54 26.50 3.30
N SER D 145 -46.25 27.03 4.30
CA SER D 145 -46.27 26.45 5.63
C SER D 145 -47.50 25.59 5.89
N SER D 146 -48.38 25.47 4.90
CA SER D 146 -49.59 24.64 5.05
C SER D 146 -50.13 24.35 3.66
N VAL D 147 -50.23 23.06 3.34
CA VAL D 147 -50.74 22.62 2.04
C VAL D 147 -51.89 21.64 2.26
N PRO D 148 -53.13 22.10 2.44
CA PRO D 148 -54.26 21.19 2.61
C PRO D 148 -54.68 20.59 1.27
N VAL D 149 -54.38 19.31 1.07
CA VAL D 149 -54.67 18.62 -0.17
C VAL D 149 -55.31 17.27 0.16
N THR D 150 -56.32 16.89 -0.61
CA THR D 150 -57.01 15.63 -0.40
C THR D 150 -56.15 14.46 -0.89
N PRO D 151 -56.36 13.27 -0.34
CA PRO D 151 -55.63 12.09 -0.84
C PRO D 151 -55.96 11.79 -2.29
N GLY D 152 -54.97 11.23 -2.99
CA GLY D 152 -55.10 10.94 -4.40
C GLY D 152 -54.59 12.02 -5.33
N GLU D 153 -54.22 13.19 -4.80
CA GLU D 153 -53.68 14.28 -5.59
C GLU D 153 -52.18 14.42 -5.35
N SER D 154 -51.54 15.18 -6.22
CA SER D 154 -50.10 15.40 -6.17
C SER D 154 -49.82 16.70 -5.42
N VAL D 155 -49.00 16.61 -4.37
CA VAL D 155 -48.63 17.75 -3.55
C VAL D 155 -47.13 17.97 -3.69
N SER D 156 -46.74 19.21 -4.00
CA SER D 156 -45.34 19.59 -4.18
C SER D 156 -44.96 20.64 -3.15
N ILE D 157 -43.86 20.41 -2.45
CA ILE D 157 -43.34 21.33 -1.44
C ILE D 157 -42.06 21.95 -1.98
N SER D 158 -41.97 23.28 -1.90
CA SER D 158 -40.83 24.01 -2.42
C SER D 158 -39.95 24.50 -1.28
N CYS D 159 -38.65 24.61 -1.56
CA CYS D 159 -37.67 25.08 -0.58
C CYS D 159 -36.63 25.91 -1.30
N ARG D 160 -36.17 26.97 -0.66
CA ARG D 160 -35.21 27.90 -1.23
C ARG D 160 -34.03 28.04 -0.28
N SER D 161 -32.87 28.40 -0.83
CA SER D 161 -31.66 28.59 -0.03
C SER D 161 -30.99 29.89 -0.43
N SER D 162 -30.41 30.56 0.57
CA SER D 162 -29.70 31.82 0.32
C SER D 162 -28.48 31.60 -0.57
N LYS D 163 -27.71 30.55 -0.29
CA LYS D 163 -26.55 30.19 -1.09
C LYS D 163 -26.87 28.95 -1.90
N SER D 164 -26.43 28.95 -3.16
CA SER D 164 -26.66 27.80 -4.04
C SER D 164 -26.02 26.56 -3.43
N LEU D 165 -26.80 25.48 -3.37
CA LEU D 165 -26.37 24.24 -2.74
C LEU D 165 -25.67 23.29 -3.71
N LEU D 166 -25.55 23.67 -4.98
CA LEU D 166 -24.89 22.83 -5.97
C LEU D 166 -23.38 23.03 -5.84
N HIS D 167 -22.68 21.98 -5.43
CA HIS D 167 -21.23 22.06 -5.25
C HIS D 167 -20.53 21.89 -6.60
N SER D 168 -19.21 22.05 -6.57
CA SER D 168 -18.41 21.92 -7.79
C SER D 168 -18.49 20.50 -8.35
N ASN D 169 -18.49 19.50 -7.47
CA ASN D 169 -18.52 18.10 -7.90
C ASN D 169 -19.90 17.65 -8.36
N GLY D 170 -20.85 18.56 -8.52
CA GLY D 170 -22.16 18.23 -9.03
C GLY D 170 -23.15 17.73 -7.98
N ASN D 171 -22.74 17.62 -6.72
CA ASN D 171 -23.61 17.14 -5.65
C ASN D 171 -24.33 18.32 -5.03
N THR D 172 -25.64 18.36 -5.18
CA THR D 172 -26.47 19.35 -4.49
C THR D 172 -26.98 18.72 -3.19
N TYR D 173 -26.76 19.41 -2.08
CA TYR D 173 -27.02 18.84 -0.75
C TYR D 173 -28.31 19.42 -0.19
N LEU D 174 -29.42 18.80 -0.59
CA LEU D 174 -30.74 19.11 -0.05
C LEU D 174 -31.36 17.81 0.44
N TYR D 175 -31.73 17.77 1.72
CA TYR D 175 -32.30 16.58 2.34
C TYR D 175 -33.75 16.85 2.72
N TRP D 176 -34.63 15.91 2.38
CA TRP D 176 -36.05 16.04 2.65
C TRP D 176 -36.47 15.03 3.71
N PHE D 177 -37.20 15.51 4.72
CA PHE D 177 -37.66 14.68 5.81
C PHE D 177 -39.18 14.77 5.92
N LEU D 178 -39.78 13.70 6.46
CA LEU D 178 -41.21 13.65 6.70
C LEU D 178 -41.44 13.26 8.15
N GLN D 179 -42.08 14.15 8.91
CA GLN D 179 -42.36 13.92 10.33
C GLN D 179 -43.86 13.72 10.48
N ARG D 180 -44.28 12.46 10.63
CA ARG D 180 -45.68 12.16 10.88
C ARG D 180 -46.06 12.63 12.29
N PRO D 181 -47.32 13.01 12.49
CA PRO D 181 -47.74 13.51 13.81
C PRO D 181 -47.58 12.45 14.88
N GLY D 182 -46.85 12.81 15.94
CA GLY D 182 -46.58 11.89 17.03
C GLY D 182 -45.43 10.93 16.78
N GLN D 183 -44.80 10.99 15.63
CA GLN D 183 -43.71 10.10 15.25
C GLN D 183 -42.42 10.89 15.09
N SER D 184 -41.37 10.20 14.65
CA SER D 184 -40.05 10.76 14.39
C SER D 184 -39.89 11.05 12.91
N PRO D 185 -39.13 12.09 12.55
CA PRO D 185 -38.92 12.39 11.13
C PRO D 185 -38.24 11.24 10.40
N GLN D 186 -38.63 11.04 9.16
CA GLN D 186 -38.07 10.00 8.31
C GLN D 186 -37.49 10.63 7.05
N LEU D 187 -36.23 10.30 6.75
CA LEU D 187 -35.61 10.80 5.54
C LEU D 187 -36.33 10.27 4.31
N LEU D 188 -36.61 11.17 3.37
CA LEU D 188 -37.29 10.82 2.13
C LEU D 188 -36.40 10.92 0.91
N ILE D 189 -35.74 12.07 0.72
CA ILE D 189 -34.81 12.27 -0.38
C ILE D 189 -33.54 12.88 0.18
N TYR D 190 -32.39 12.28 -0.15
CA TYR D 190 -31.10 12.80 0.23
C TYR D 190 -30.35 13.26 -1.02
N ARG D 191 -29.65 14.39 -0.89
CA ARG D 191 -28.95 15.04 -2.00
C ARG D 191 -29.93 15.46 -3.10
N MET D 192 -31.17 15.73 -2.73
CA MET D 192 -32.16 16.39 -3.57
C MET D 192 -32.63 15.54 -4.76
N SER D 193 -32.01 14.38 -4.96
CA SER D 193 -32.43 13.51 -6.07
C SER D 193 -32.55 12.04 -5.71
N ASN D 194 -31.88 11.56 -4.65
CA ASN D 194 -31.84 10.13 -4.36
C ASN D 194 -32.86 9.79 -3.28
N LEU D 195 -33.75 8.85 -3.59
CA LEU D 195 -34.73 8.40 -2.62
C LEU D 195 -34.06 7.61 -1.51
N ALA D 196 -34.61 7.72 -0.30
CA ALA D 196 -34.04 7.05 0.85
C ALA D 196 -34.34 5.56 0.81
N SER D 197 -33.78 4.82 1.76
CA SER D 197 -33.92 3.37 1.82
C SER D 197 -35.29 3.04 2.41
N GLY D 198 -36.11 2.32 1.65
CA GLY D 198 -37.42 1.90 2.09
C GLY D 198 -38.53 2.91 1.85
N VAL D 199 -38.20 4.12 1.39
CA VAL D 199 -39.23 5.11 1.11
C VAL D 199 -39.99 4.71 -0.15
N PRO D 200 -41.32 4.82 -0.17
CA PRO D 200 -42.06 4.47 -1.39
C PRO D 200 -41.63 5.32 -2.58
N ASP D 201 -41.66 4.71 -3.75
CA ASP D 201 -41.19 5.35 -4.98
C ASP D 201 -42.06 6.54 -5.39
N ARG D 202 -43.26 6.70 -4.80
CA ARG D 202 -44.13 7.81 -5.17
C ARG D 202 -43.51 9.17 -4.85
N PHE D 203 -42.59 9.23 -3.89
CA PHE D 203 -41.91 10.47 -3.57
C PHE D 203 -40.85 10.77 -4.62
N SER D 204 -40.85 12.00 -5.13
CA SER D 204 -39.89 12.43 -6.14
C SER D 204 -39.23 13.72 -5.69
N GLY D 205 -37.92 13.81 -5.88
CA GLY D 205 -37.14 14.97 -5.51
C GLY D 205 -36.56 15.65 -6.75
N SER D 206 -36.54 16.98 -6.72
CA SER D 206 -36.01 17.76 -7.83
C SER D 206 -35.50 19.09 -7.30
N GLY D 207 -34.65 19.73 -8.09
CA GLY D 207 -34.11 21.01 -7.72
C GLY D 207 -32.93 21.39 -8.59
N SER D 208 -32.55 22.66 -8.51
CA SER D 208 -31.43 23.17 -9.29
C SER D 208 -30.87 24.40 -8.57
N GLY D 209 -29.77 24.21 -7.86
CA GLY D 209 -29.06 25.32 -7.24
C GLY D 209 -29.71 25.87 -5.99
N THR D 210 -30.86 26.53 -6.15
CA THR D 210 -31.52 27.17 -5.02
C THR D 210 -32.97 26.74 -4.89
N ALA D 211 -33.64 26.53 -6.03
CA ALA D 211 -35.05 26.19 -6.05
C ALA D 211 -35.19 24.67 -6.03
N PHE D 212 -35.60 24.13 -4.88
CA PHE D 212 -35.78 22.70 -4.70
C PHE D 212 -37.26 22.39 -4.49
N THR D 213 -37.71 21.29 -5.06
CA THR D 213 -39.10 20.86 -4.95
C THR D 213 -39.14 19.37 -4.66
N LEU D 214 -40.03 18.97 -3.76
CA LEU D 214 -40.24 17.58 -3.39
C LEU D 214 -41.64 17.19 -3.86
N THR D 215 -41.75 16.76 -5.11
CA THR D 215 -43.04 16.39 -5.68
C THR D 215 -43.46 15.02 -5.20
N ILE D 216 -44.66 14.94 -4.61
CA ILE D 216 -45.22 13.69 -4.13
C ILE D 216 -46.41 13.32 -5.01
N SER D 217 -46.48 12.06 -5.41
CA SER D 217 -47.53 11.56 -6.29
C SER D 217 -48.40 10.58 -5.53
N ARG D 218 -49.72 10.70 -5.72
CA ARG D 218 -50.71 9.80 -5.11
C ARG D 218 -50.58 9.79 -3.59
N LEU D 219 -50.85 10.95 -2.99
CA LEU D 219 -50.79 11.09 -1.55
C LEU D 219 -51.78 10.16 -0.87
N GLU D 220 -51.34 9.51 0.20
CA GLU D 220 -52.15 8.58 0.96
C GLU D 220 -52.43 9.14 2.36
N ALA D 221 -53.33 8.47 3.08
CA ALA D 221 -53.66 8.90 4.43
C ALA D 221 -52.49 8.74 5.37
N GLU D 222 -51.62 7.76 5.12
CA GLU D 222 -50.45 7.54 5.97
C GLU D 222 -49.31 8.52 5.69
N ASP D 223 -49.41 9.29 4.61
CA ASP D 223 -48.38 10.26 4.25
C ASP D 223 -48.63 11.64 4.84
N VAL D 224 -49.66 11.79 5.67
CA VAL D 224 -49.96 13.10 6.27
C VAL D 224 -48.90 13.43 7.30
N GLY D 225 -48.30 14.61 7.17
CA GLY D 225 -47.26 15.02 8.08
C GLY D 225 -46.69 16.36 7.68
N VAL D 226 -45.56 16.69 8.31
CA VAL D 226 -44.86 17.96 8.05
C VAL D 226 -43.51 17.62 7.43
N TYR D 227 -43.15 18.37 6.39
CA TYR D 227 -41.94 18.13 5.62
C TYR D 227 -40.92 19.25 5.84
N TYR D 228 -39.64 18.89 5.80
CA TYR D 228 -38.57 19.84 6.01
C TYR D 228 -37.50 19.64 4.95
N CYS D 229 -36.74 20.70 4.70
CA CYS D 229 -35.60 20.67 3.79
C CYS D 229 -34.35 21.05 4.57
N MET D 230 -33.30 20.25 4.43
CA MET D 230 -32.05 20.47 5.15
C MET D 230 -30.89 20.53 4.17
N GLN D 231 -29.94 21.42 4.45
CA GLN D 231 -28.75 21.58 3.63
C GLN D 231 -27.55 20.98 4.34
N HIS D 232 -26.68 20.33 3.56
CA HIS D 232 -25.45 19.74 4.10
C HIS D 232 -24.22 20.28 3.38
N LEU D 233 -24.37 21.38 2.62
CA LEU D 233 -23.23 21.98 1.92
C LEU D 233 -22.18 22.48 2.91
N GLU D 234 -22.63 23.14 3.98
CA GLU D 234 -21.72 23.65 4.98
C GLU D 234 -22.47 23.77 6.30
N TYR D 235 -21.78 23.44 7.39
CA TYR D 235 -22.36 23.56 8.72
C TYR D 235 -22.45 25.03 9.12
N PRO D 236 -23.48 25.41 9.90
CA PRO D 236 -24.53 24.55 10.45
C PRO D 236 -25.58 24.12 9.43
N LEU D 237 -26.15 22.93 9.64
CA LEU D 237 -27.20 22.41 8.75
C LEU D 237 -28.52 23.04 9.16
N THR D 238 -29.02 23.97 8.35
CA THR D 238 -30.22 24.72 8.66
C THR D 238 -31.43 24.09 8.00
N PHE D 239 -32.49 23.90 8.78
CA PHE D 239 -33.73 23.36 8.27
C PHE D 239 -34.67 24.48 7.84
N GLY D 240 -35.74 24.11 7.15
CA GLY D 240 -36.76 25.05 6.74
C GLY D 240 -37.79 25.29 7.84
N ALA D 241 -38.74 26.17 7.52
CA ALA D 241 -39.82 26.46 8.46
C ALA D 241 -40.74 25.27 8.67
N GLY D 242 -40.79 24.34 7.72
CA GLY D 242 -41.61 23.16 7.85
C GLY D 242 -42.94 23.27 7.14
N THR D 243 -43.07 22.57 6.00
CA THR D 243 -44.32 22.54 5.25
C THR D 243 -45.21 21.46 5.83
N LYS D 244 -46.32 21.86 6.45
CA LYS D 244 -47.23 20.93 7.09
C LYS D 244 -48.37 20.57 6.15
N LEU D 245 -48.60 19.26 5.99
CA LEU D 245 -49.67 18.75 5.15
C LEU D 245 -50.77 18.19 6.04
N GLU D 246 -52.01 18.57 5.78
CA GLU D 246 -53.15 18.14 6.57
C GLU D 246 -54.21 17.54 5.65
N LEU D 247 -55.05 16.68 6.23
CA LEU D 247 -56.09 16.01 5.46
C LEU D 247 -57.11 17.03 4.95
N LYS D 248 -57.48 16.87 3.67
CA LYS D 248 -58.44 17.75 3.01
C LYS D 248 -58.02 19.22 3.09
N TRP E 74 48.23 36.09 -1.63
CA TRP E 74 47.82 34.98 -0.76
C TRP E 74 47.79 33.67 -1.53
N ASN E 75 48.65 32.74 -1.12
CA ASN E 75 48.73 31.43 -1.77
C ASN E 75 48.79 30.36 -0.70
N GLU E 76 47.98 29.31 -0.88
CA GLU E 76 47.95 28.22 0.08
C GLU E 76 47.52 26.91 -0.59
N PRO E 77 48.40 25.92 -0.65
CA PRO E 77 48.01 24.60 -1.18
C PRO E 77 46.85 23.98 -0.41
N PRO E 78 46.78 24.10 0.93
CA PRO E 78 45.66 23.46 1.64
C PRO E 78 44.29 23.93 1.20
N VAL E 79 44.10 25.23 0.94
CA VAL E 79 42.78 25.72 0.59
C VAL E 79 42.40 25.25 -0.82
N ILE E 80 43.35 25.23 -1.75
CA ILE E 80 43.05 24.75 -3.09
C ILE E 80 42.76 23.25 -3.07
N LEU E 81 43.47 22.50 -2.21
CA LEU E 81 43.16 21.08 -2.06
C LEU E 81 41.76 20.89 -1.48
N SER E 82 41.39 21.70 -0.48
CA SER E 82 40.08 21.59 0.13
C SER E 82 38.97 21.90 -0.89
N MET E 83 39.15 22.94 -1.70
CA MET E 83 38.12 23.26 -2.68
C MET E 83 38.07 22.23 -3.79
N VAL E 84 39.21 21.65 -4.17
CA VAL E 84 39.19 20.56 -5.15
C VAL E 84 38.42 19.36 -4.61
N ILE E 85 38.66 19.00 -3.34
CA ILE E 85 37.94 17.87 -2.75
C ILE E 85 36.46 18.20 -2.62
N LEU E 86 36.13 19.46 -2.32
CA LEU E 86 34.72 19.86 -2.25
C LEU E 86 34.04 19.75 -3.61
N SER E 87 34.73 20.17 -4.67
CA SER E 87 34.18 20.03 -6.02
C SER E 87 33.99 18.57 -6.40
N LEU E 88 34.95 17.72 -6.03
CA LEU E 88 34.81 16.29 -6.28
C LEU E 88 33.61 15.73 -5.51
N THR E 89 33.45 16.15 -4.26
CA THR E 89 32.31 15.73 -3.45
C THR E 89 31.01 16.15 -4.11
N PHE E 90 30.94 17.39 -4.59
CA PHE E 90 29.79 17.85 -5.35
C PHE E 90 29.49 16.91 -6.50
N LEU E 91 30.44 16.80 -7.43
CA LEU E 91 30.21 16.07 -8.67
C LEU E 91 29.95 14.59 -8.47
N LEU E 92 30.41 14.01 -7.35
CA LEU E 92 30.21 12.59 -7.11
C LEU E 92 28.99 12.28 -6.25
N GLY E 93 28.58 13.19 -5.38
CA GLY E 93 27.47 12.92 -4.48
C GLY E 93 26.16 13.60 -4.83
N LEU E 94 26.20 14.88 -5.23
CA LEU E 94 24.94 15.60 -5.44
C LEU E 94 24.03 14.92 -6.46
N PRO E 95 24.50 14.54 -7.65
CA PRO E 95 23.63 13.71 -8.52
C PRO E 95 23.28 12.38 -7.89
N GLY E 96 24.26 11.74 -7.23
CA GLY E 96 23.97 10.47 -6.57
C GLY E 96 22.98 10.61 -5.44
N ASN E 97 23.18 11.63 -4.58
CA ASN E 97 22.23 11.86 -3.51
C ASN E 97 20.84 12.15 -4.05
N GLY E 98 20.75 12.98 -5.09
CA GLY E 98 19.45 13.30 -5.65
C GLY E 98 18.75 12.08 -6.22
N LEU E 99 19.48 11.28 -7.01
CA LEU E 99 18.87 10.11 -7.64
C LEU E 99 18.45 9.07 -6.60
N VAL E 100 19.30 8.82 -5.60
CA VAL E 100 18.95 7.84 -4.57
C VAL E 100 17.76 8.32 -3.75
N LEU E 101 17.74 9.60 -3.38
CA LEU E 101 16.61 10.13 -2.62
C LEU E 101 15.33 10.05 -3.43
N TRP E 102 15.39 10.40 -4.72
CA TRP E 102 14.21 10.32 -5.57
C TRP E 102 13.71 8.89 -5.70
N VAL E 103 14.61 7.93 -5.87
CA VAL E 103 14.21 6.53 -5.96
C VAL E 103 13.56 6.09 -4.66
N ALA E 104 14.21 6.33 -3.53
CA ALA E 104 13.69 5.89 -2.24
C ALA E 104 12.41 6.62 -1.85
N GLY E 105 12.15 7.78 -2.43
CA GLY E 105 10.93 8.52 -2.11
C GLY E 105 9.75 8.16 -2.99
N LEU E 106 9.99 7.95 -4.28
CA LEU E 106 8.91 7.66 -5.22
C LEU E 106 9.01 6.28 -5.85
N LYS E 107 10.17 5.94 -6.42
CA LYS E 107 10.29 4.68 -7.15
C LYS E 107 10.31 3.49 -6.21
N MET E 108 11.08 3.57 -5.12
CA MET E 108 11.17 2.48 -4.18
C MET E 108 9.98 2.48 -3.24
N GLN E 109 9.80 1.36 -2.53
CA GLN E 109 8.71 1.19 -1.60
C GLN E 109 9.07 1.87 -0.27
N ARG E 110 8.27 1.60 0.76
CA ARG E 110 8.48 2.22 2.07
C ARG E 110 8.76 1.17 3.13
N THR E 111 9.64 0.21 2.82
CA THR E 111 9.96 -0.83 3.78
C THR E 111 10.80 -0.27 4.93
N VAL E 112 11.09 -1.12 5.90
CA VAL E 112 11.82 -0.69 7.09
C VAL E 112 13.23 -0.25 6.71
N ASN E 113 13.92 -1.04 5.89
CA ASN E 113 15.28 -0.68 5.49
C ASN E 113 15.31 0.53 4.57
N THR E 114 14.21 0.84 3.89
CA THR E 114 14.17 2.01 3.02
C THR E 114 14.08 3.31 3.80
N ILE E 115 13.50 3.28 5.00
CA ILE E 115 13.37 4.50 5.81
C ILE E 115 14.75 5.03 6.20
N TRP E 116 15.63 4.13 6.63
CA TRP E 116 16.98 4.54 7.00
C TRP E 116 17.70 5.16 5.81
N PHE E 117 17.60 4.54 4.64
CA PHE E 117 18.24 5.08 3.45
C PHE E 117 17.67 6.44 3.08
N LEU E 118 16.35 6.59 3.17
CA LEU E 118 15.71 7.86 2.82
C LEU E 118 16.18 8.97 3.75
N HIS E 119 16.22 8.71 5.06
CA HIS E 119 16.65 9.74 6.00
C HIS E 119 18.13 10.05 5.83
N LEU E 120 18.95 9.02 5.59
CA LEU E 120 20.38 9.25 5.37
C LEU E 120 20.61 10.08 4.12
N THR E 121 19.85 9.82 3.05
CA THR E 121 19.97 10.61 1.83
C THR E 121 19.46 12.03 2.05
N LEU E 122 18.43 12.22 2.88
CA LEU E 122 18.01 13.57 3.21
C LEU E 122 19.13 14.33 3.90
N ALA E 123 19.78 13.70 4.88
CA ALA E 123 20.89 14.35 5.57
C ALA E 123 22.04 14.64 4.62
N ASP E 124 22.37 13.68 3.74
CA ASP E 124 23.46 13.89 2.79
C ASP E 124 23.14 15.00 1.80
N LEU E 125 21.89 15.07 1.34
CA LEU E 125 21.49 16.14 0.43
C LEU E 125 21.55 17.49 1.11
N LEU E 126 21.12 17.57 2.38
CA LEU E 126 21.25 18.83 3.10
C LEU E 126 22.71 19.24 3.25
N CYS E 127 23.59 18.28 3.55
CA CYS E 127 25.01 18.59 3.66
C CYS E 127 25.57 19.07 2.33
N CYS E 128 25.19 18.41 1.23
CA CYS E 128 25.68 18.80 -0.09
C CYS E 128 25.17 20.18 -0.48
N LEU E 129 23.92 20.50 -0.14
CA LEU E 129 23.35 21.79 -0.47
C LEU E 129 23.91 22.90 0.42
N SER E 130 24.38 22.57 1.62
CA SER E 130 25.04 23.54 2.48
C SER E 130 26.52 23.67 2.19
N LEU E 131 27.10 22.72 1.46
CA LEU E 131 28.50 22.85 1.03
C LEU E 131 28.80 24.11 0.24
N PRO E 132 27.96 24.59 -0.69
CA PRO E 132 28.31 25.82 -1.41
C PRO E 132 28.55 27.01 -0.50
N PHE E 133 27.93 27.06 0.68
CA PHE E 133 28.22 28.11 1.64
C PHE E 133 29.69 28.07 2.05
N SER E 134 30.19 26.87 2.39
CA SER E 134 31.60 26.73 2.74
C SER E 134 32.51 26.99 1.56
N LEU E 135 32.08 26.59 0.36
CA LEU E 135 32.89 26.86 -0.84
C LEU E 135 33.04 28.36 -1.07
N ALA E 136 31.94 29.11 -0.93
CA ALA E 136 32.00 30.56 -1.07
C ALA E 136 32.84 31.18 0.04
N HIS E 137 32.72 30.67 1.27
CA HIS E 137 33.52 31.19 2.37
C HIS E 137 35.01 30.98 2.11
N LEU E 138 35.38 29.80 1.60
CA LEU E 138 36.78 29.54 1.28
C LEU E 138 37.26 30.31 0.06
N ALA E 139 36.35 30.65 -0.86
CA ALA E 139 36.73 31.43 -2.03
C ALA E 139 37.23 32.81 -1.64
N LEU E 140 36.58 33.44 -0.67
CA LEU E 140 36.98 34.74 -0.17
C LEU E 140 37.91 34.65 1.02
N GLN E 141 38.30 33.44 1.44
CA GLN E 141 39.16 33.23 2.61
C GLN E 141 38.56 33.88 3.85
N GLY E 142 37.25 33.73 4.01
CA GLY E 142 36.54 34.36 5.10
C GLY E 142 35.73 35.55 4.64
N GLN E 143 35.70 36.60 5.45
CA GLN E 143 34.99 37.85 5.13
C GLN E 143 33.52 37.59 4.84
N TRP E 144 32.81 37.11 5.86
CA TRP E 144 31.39 36.79 5.77
C TRP E 144 30.59 38.04 5.42
N PRO E 145 30.01 38.11 4.22
CA PRO E 145 29.29 39.33 3.82
C PRO E 145 27.86 39.36 4.31
N TYR E 146 27.26 38.20 4.54
CA TYR E 146 25.88 38.12 4.94
C TYR E 146 25.71 38.57 6.40
N GLY E 147 24.46 38.57 6.86
CA GLY E 147 24.15 39.03 8.19
C GLY E 147 24.46 37.99 9.25
N ARG E 148 24.11 38.33 10.50
CA ARG E 148 24.37 37.43 11.62
C ARG E 148 23.55 36.15 11.52
N PHE E 149 22.34 36.23 10.97
CA PHE E 149 21.48 35.06 10.92
C PHE E 149 22.04 33.99 9.98
N LEU E 150 22.67 34.40 8.88
CA LEU E 150 23.24 33.43 7.94
C LEU E 150 24.41 32.68 8.58
N CYS E 151 25.33 33.40 9.21
CA CYS E 151 26.43 32.76 9.93
C CYS E 151 25.96 32.06 11.18
N LYS E 152 24.73 32.32 11.63
CA LYS E 152 24.17 31.64 12.78
C LYS E 152 23.47 30.34 12.39
N LEU E 153 22.96 30.26 11.17
CA LEU E 153 22.18 29.11 10.71
C LEU E 153 22.96 28.14 9.84
N ILE E 154 23.79 28.62 8.92
CA ILE E 154 24.50 27.71 8.01
C ILE E 154 25.44 26.77 8.76
N PRO E 155 26.34 27.23 9.66
CA PRO E 155 27.13 26.27 10.42
C PRO E 155 26.37 25.78 11.63
N SER E 156 25.09 25.54 11.42
CA SER E 156 24.19 24.76 12.25
C SER E 156 23.47 23.71 11.42
N ILE E 157 23.01 24.06 10.23
CA ILE E 157 22.44 23.08 9.32
C ILE E 157 23.51 22.11 8.84
N ILE E 158 24.73 22.61 8.63
CA ILE E 158 25.82 21.71 8.22
C ILE E 158 26.03 20.63 9.26
N VAL E 159 26.14 21.05 10.55
CA VAL E 159 26.43 20.11 11.67
C VAL E 159 25.21 19.27 12.03
N LEU E 160 24.00 19.71 11.70
CA LEU E 160 22.81 18.89 11.85
C LEU E 160 22.76 17.79 10.79
N ASN E 161 23.01 18.15 9.53
CA ASN E 161 22.97 17.17 8.46
C ASN E 161 24.06 16.12 8.63
N MET E 162 25.29 16.55 8.94
CA MET E 162 26.39 15.60 9.07
C MET E 162 26.15 14.62 10.20
N PHE E 163 25.69 15.13 11.36
CA PHE E 163 25.48 14.24 12.49
C PHE E 163 24.25 13.37 12.31
N ALA E 164 23.22 13.86 11.61
CA ALA E 164 22.10 13.01 11.26
C ALA E 164 22.56 11.85 10.38
N SER E 165 23.43 12.13 9.41
CA SER E 165 23.97 11.06 8.58
C SER E 165 24.75 10.05 9.40
N VAL E 166 25.60 10.54 10.32
CA VAL E 166 26.40 9.63 11.13
C VAL E 166 25.52 8.75 12.01
N PHE E 167 24.54 9.36 12.67
CA PHE E 167 23.65 8.59 13.54
C PHE E 167 22.77 7.64 12.75
N LEU E 168 22.44 7.98 11.50
CA LEU E 168 21.68 7.05 10.68
C LEU E 168 22.53 5.87 10.24
N LEU E 169 23.83 6.09 9.99
CA LEU E 169 24.73 4.97 9.76
C LEU E 169 24.77 4.06 10.99
N THR E 170 24.85 4.66 12.17
CA THR E 170 24.83 3.88 13.40
C THR E 170 23.54 3.08 13.54
N ALA E 171 22.40 3.71 13.22
CA ALA E 171 21.11 3.02 13.30
C ALA E 171 21.03 1.88 12.29
N ILE E 172 21.60 2.08 11.09
CA ILE E 172 21.64 1.00 10.11
C ILE E 172 22.45 -0.17 10.62
N SER E 173 23.59 0.11 11.24
CA SER E 173 24.40 -0.98 11.81
C SER E 173 23.64 -1.70 12.92
N LEU E 174 22.96 -0.95 13.79
CA LEU E 174 22.16 -1.57 14.84
C LEU E 174 21.05 -2.43 14.28
N ASP E 175 20.36 -1.95 13.25
CA ASP E 175 19.29 -2.74 12.64
C ASP E 175 19.83 -4.01 12.01
N ARG E 176 20.97 -3.91 11.32
CA ARG E 176 21.57 -5.09 10.71
C ARG E 176 21.96 -6.12 11.77
N CYS E 177 22.52 -5.67 12.89
CA CYS E 177 22.86 -6.59 13.97
C CYS E 177 21.61 -7.20 14.61
N LEU E 178 20.56 -6.40 14.75
CA LEU E 178 19.37 -6.86 15.44
C LEU E 178 18.53 -7.82 14.61
N VAL E 179 18.53 -7.67 13.29
CA VAL E 179 17.75 -8.57 12.44
C VAL E 179 18.50 -9.87 12.24
N VAL E 180 19.65 -10.01 12.93
CA VAL E 180 20.45 -11.23 12.89
C VAL E 180 20.46 -11.92 14.25
N PHE E 181 20.78 -11.17 15.31
CA PHE E 181 20.81 -11.76 16.64
C PHE E 181 19.43 -11.86 17.29
N LYS E 182 18.42 -11.17 16.76
CA LYS E 182 17.05 -11.25 17.29
C LYS E 182 16.09 -11.40 16.13
N PRO E 183 16.07 -12.56 15.47
CA PRO E 183 15.17 -12.76 14.33
C PRO E 183 13.72 -12.93 14.75
N ILE E 184 13.50 -13.56 15.91
CA ILE E 184 12.14 -13.77 16.39
C ILE E 184 11.51 -12.45 16.81
N TRP E 185 12.28 -11.59 17.50
CA TRP E 185 11.72 -10.33 17.99
C TRP E 185 11.59 -9.31 16.86
N CYS E 186 12.52 -9.31 15.90
CA CYS E 186 12.48 -8.36 14.80
C CYS E 186 11.49 -8.73 13.71
N GLN E 187 10.63 -9.72 13.94
CA GLN E 187 9.51 -9.98 13.05
C GLN E 187 8.18 -9.57 13.65
N ASN E 188 8.03 -9.70 14.97
CA ASN E 188 6.82 -9.23 15.64
C ASN E 188 6.90 -7.73 15.92
N HIS E 189 7.88 -7.32 16.71
CA HIS E 189 8.02 -5.91 17.10
C HIS E 189 9.06 -5.20 16.22
N ARG E 190 8.77 -5.15 14.92
CA ARG E 190 9.61 -4.38 13.99
C ARG E 190 8.75 -4.04 12.78
N ASN E 191 8.32 -2.78 12.72
CA ASN E 191 7.52 -2.27 11.61
C ASN E 191 8.09 -0.94 11.15
N VAL E 192 7.43 -0.32 10.18
CA VAL E 192 7.87 0.98 9.68
C VAL E 192 7.70 2.05 10.75
N GLY E 193 6.73 1.87 11.66
CA GLY E 193 6.55 2.84 12.72
C GLY E 193 7.75 2.93 13.66
N MET E 194 8.33 1.77 13.99
CA MET E 194 9.52 1.77 14.84
C MET E 194 10.69 2.47 14.17
N ALA E 195 10.88 2.21 12.87
CA ALA E 195 11.95 2.88 12.13
C ALA E 195 11.72 4.39 12.08
N CYS E 196 10.47 4.80 11.85
CA CYS E 196 10.17 6.23 11.82
C CYS E 196 10.42 6.87 13.18
N SER E 197 10.03 6.20 14.26
CA SER E 197 10.28 6.74 15.59
C SER E 197 11.77 6.85 15.89
N ILE E 198 12.55 5.84 15.50
CA ILE E 198 14.00 5.89 15.72
C ILE E 198 14.62 7.01 14.91
N CYS E 199 14.18 7.18 13.66
CA CYS E 199 14.69 8.28 12.83
C CYS E 199 14.33 9.64 13.43
N GLY E 200 13.12 9.76 13.96
CA GLY E 200 12.74 11.00 14.62
C GLY E 200 13.59 11.29 15.84
N CYS E 201 13.89 10.25 16.63
CA CYS E 201 14.77 10.44 17.78
C CYS E 201 16.17 10.83 17.33
N ILE E 202 16.64 10.25 16.23
CA ILE E 202 17.94 10.62 15.67
C ILE E 202 17.96 12.08 15.28
N TRP E 203 16.91 12.54 14.60
CA TRP E 203 16.85 13.95 14.22
C TRP E 203 16.77 14.85 15.44
N VAL E 204 16.05 14.42 16.48
CA VAL E 204 15.95 15.22 17.71
C VAL E 204 17.30 15.35 18.38
N VAL E 205 18.05 14.24 18.49
CA VAL E 205 19.35 14.32 19.15
C VAL E 205 20.35 15.09 18.29
N ALA E 206 20.22 15.00 16.95
CA ALA E 206 21.04 15.83 16.08
C ALA E 206 20.75 17.32 16.29
N PHE E 207 19.47 17.66 16.43
CA PHE E 207 19.10 19.05 16.72
C PHE E 207 19.65 19.50 18.07
N VAL E 208 19.61 18.60 19.06
CA VAL E 208 20.15 18.93 20.38
C VAL E 208 21.64 19.22 20.29
N MET E 209 22.38 18.37 19.57
CA MET E 209 23.79 18.61 19.36
C MET E 209 24.05 19.83 18.49
N CYS E 210 23.06 20.24 17.68
CA CYS E 210 23.17 21.44 16.86
C CYS E 210 22.96 22.72 17.65
N ILE E 211 22.19 22.65 18.73
CA ILE E 211 21.91 23.85 19.53
C ILE E 211 23.17 24.60 19.98
N PRO E 212 24.22 23.94 20.49
CA PRO E 212 25.36 24.71 21.03
C PRO E 212 26.02 25.66 20.04
N VAL E 213 26.18 25.27 18.77
CA VAL E 213 26.77 26.20 17.81
C VAL E 213 25.80 27.33 17.50
N PHE E 214 24.49 27.04 17.52
CA PHE E 214 23.49 28.06 17.25
C PHE E 214 23.37 29.05 18.40
N VAL E 215 23.80 28.69 19.61
CA VAL E 215 23.71 29.59 20.74
C VAL E 215 25.04 30.25 21.09
N TYR E 216 26.11 29.97 20.33
CA TYR E 216 27.44 30.44 20.68
C TYR E 216 28.14 31.23 19.58
N ARG E 217 27.52 31.42 18.42
CA ARG E 217 28.18 32.06 17.28
C ARG E 217 28.06 33.57 17.36
N GLU E 218 29.14 34.26 16.97
CA GLU E 218 29.16 35.72 16.85
C GLU E 218 29.87 36.10 15.55
N ILE E 219 29.70 37.38 15.24
CA ILE E 219 30.40 38.00 14.08
C ILE E 219 31.14 39.12 14.81
N PHE E 220 32.48 39.15 14.66
CA PHE E 220 33.34 40.18 15.29
C PHE E 220 33.55 41.33 14.30
N THR E 221 33.45 42.58 14.77
CA THR E 221 33.51 43.72 13.86
C THR E 221 34.73 43.62 12.94
N THR E 222 35.89 43.36 13.52
CA THR E 222 37.13 43.16 12.77
C THR E 222 37.47 44.32 11.85
N ASP E 223 38.25 44.04 10.81
CA ASP E 223 38.60 45.12 9.86
C ASP E 223 37.54 45.20 8.76
N ASN E 224 37.82 45.96 7.71
CA ASN E 224 36.82 46.18 6.66
C ASN E 224 36.22 44.87 6.20
N HIS E 225 37.03 43.82 6.09
CA HIS E 225 36.55 42.46 5.83
C HIS E 225 36.44 41.73 7.16
N ASN E 226 35.22 41.33 7.53
CA ASN E 226 34.94 40.74 8.83
C ASN E 226 34.59 39.27 8.66
N ARG E 227 35.30 38.40 9.39
CA ARG E 227 35.05 36.97 9.38
C ARG E 227 34.34 36.58 10.67
N CYS E 228 33.24 35.86 10.54
CA CYS E 228 32.41 35.49 11.67
C CYS E 228 32.85 34.14 12.24
N GLY E 229 32.82 34.03 13.57
CA GLY E 229 33.23 32.81 14.22
C GLY E 229 32.92 32.85 15.69
N TYR E 230 33.40 31.87 16.46
CA TYR E 230 32.97 31.91 17.87
C TYR E 230 33.89 31.05 18.74
N THR E 387 36.36 27.17 28.95
CA THR E 387 35.71 26.02 29.59
C THR E 387 34.56 25.42 28.75
N PRO E 388 33.62 26.25 28.28
CA PRO E 388 32.54 25.67 27.44
C PRO E 388 33.06 25.03 26.17
N LEU E 389 34.10 25.59 25.55
CA LEU E 389 34.57 25.10 24.26
C LEU E 389 35.13 23.68 24.38
N VAL E 390 36.01 23.46 25.36
CA VAL E 390 36.63 22.14 25.50
C VAL E 390 35.58 21.09 25.83
N ALA E 391 34.66 21.40 26.74
CA ALA E 391 33.63 20.44 27.10
C ALA E 391 32.72 20.12 25.92
N ILE E 392 32.33 21.15 25.15
CA ILE E 392 31.38 20.93 24.07
C ILE E 392 32.05 20.17 22.93
N THR E 393 33.33 20.42 22.66
CA THR E 393 33.91 19.61 21.54
C THR E 393 34.23 18.20 22.06
N ILE E 394 34.56 18.04 23.34
CA ILE E 394 34.70 16.68 23.83
C ILE E 394 33.39 15.91 23.69
N THR E 395 32.27 16.57 24.00
CA THR E 395 30.96 15.95 23.80
C THR E 395 30.72 15.64 22.32
N ARG E 396 31.09 16.52 21.42
CA ARG E 396 30.85 16.16 20.01
C ARG E 396 31.81 15.06 19.57
N LEU E 397 33.07 15.07 20.01
CA LEU E 397 33.93 13.95 19.68
C LEU E 397 33.31 12.64 20.15
N VAL E 398 32.94 12.56 21.43
CA VAL E 398 32.40 11.32 21.97
C VAL E 398 31.17 10.90 21.18
N VAL E 399 30.12 11.74 21.20
CA VAL E 399 28.82 11.34 20.67
C VAL E 399 28.89 11.05 19.17
N GLY E 400 29.71 11.80 18.43
CA GLY E 400 29.73 11.63 16.99
C GLY E 400 30.75 10.65 16.45
N PHE E 401 31.74 10.26 17.26
CA PHE E 401 32.77 9.35 16.78
C PHE E 401 32.83 8.05 17.57
N LEU E 402 32.89 8.12 18.90
CA LEU E 402 33.18 6.92 19.68
C LEU E 402 32.02 5.93 19.64
N LEU E 403 30.83 6.39 20.06
CA LEU E 403 29.66 5.51 20.00
C LEU E 403 29.35 5.04 18.58
N PRO E 404 29.32 5.91 17.55
CA PRO E 404 29.04 5.39 16.20
C PRO E 404 30.06 4.37 15.72
N SER E 405 31.35 4.70 15.79
CA SER E 405 32.37 3.78 15.26
C SER E 405 32.42 2.48 16.04
N VAL E 406 32.36 2.56 17.37
CA VAL E 406 32.41 1.35 18.20
C VAL E 406 31.19 0.48 17.93
N ILE E 407 30.00 1.10 17.86
CA ILE E 407 28.78 0.35 17.58
C ILE E 407 28.87 -0.32 16.22
N MET E 408 29.32 0.42 15.21
CA MET E 408 29.44 -0.14 13.86
C MET E 408 30.40 -1.32 13.85
N ILE E 409 31.57 -1.16 14.47
CA ILE E 409 32.58 -2.22 14.47
C ILE E 409 32.04 -3.46 15.18
N ALA E 410 31.43 -3.27 16.36
CA ALA E 410 30.92 -4.40 17.12
C ALA E 410 29.81 -5.11 16.35
N CYS E 411 28.88 -4.36 15.78
CA CYS E 411 27.76 -4.96 15.07
C CYS E 411 28.23 -5.73 13.86
N TYR E 412 29.13 -5.14 13.07
CA TYR E 412 29.58 -5.82 11.86
C TYR E 412 30.46 -7.03 12.17
N SER E 413 31.30 -6.94 13.21
CA SER E 413 32.08 -8.08 13.63
C SER E 413 31.19 -9.22 14.12
N PHE E 414 30.14 -8.88 14.89
CA PHE E 414 29.22 -9.89 15.37
C PHE E 414 28.45 -10.53 14.22
N ILE E 415 28.05 -9.73 13.22
CA ILE E 415 27.38 -10.28 12.05
C ILE E 415 28.30 -11.23 11.30
N VAL E 416 29.57 -10.84 11.13
CA VAL E 416 30.53 -11.70 10.45
C VAL E 416 30.73 -13.00 11.21
N PHE E 417 30.84 -12.92 12.54
CA PHE E 417 31.00 -14.12 13.36
C PHE E 417 29.78 -15.04 13.23
N ARG E 418 28.58 -14.46 13.24
CA ARG E 418 27.37 -15.26 13.09
C ARG E 418 27.31 -15.89 11.70
N MET E 419 27.87 -15.21 10.70
CA MET E 419 27.87 -15.72 9.33
C MET E 419 28.84 -16.88 9.12
N GLN E 420 29.39 -17.47 10.18
CA GLN E 420 30.25 -18.65 10.10
C GLN E 420 29.69 -19.76 10.97
N ARG E 421 28.38 -19.95 10.96
CA ARG E 421 27.71 -20.93 11.81
C ARG E 421 26.68 -21.72 11.00
N GLY E 422 27.06 -22.14 9.80
CA GLY E 422 26.19 -22.95 8.97
C GLY E 422 25.26 -22.13 8.10
N ARG E 423 25.05 -22.59 6.85
CA ARG E 423 24.16 -21.97 5.88
C ARG E 423 24.70 -20.61 5.42
N PHE E 424 25.81 -20.18 6.02
CA PHE E 424 26.41 -18.89 5.70
C PHE E 424 27.89 -18.99 5.36
N ALA E 425 28.45 -20.20 5.33
CA ALA E 425 29.86 -20.36 4.96
C ALA E 425 30.13 -19.96 3.52
N LYS E 426 29.12 -20.05 2.64
CA LYS E 426 29.27 -19.54 1.28
C LYS E 426 29.49 -18.02 1.30
N SER E 427 28.89 -17.34 2.28
CA SER E 427 29.15 -15.92 2.51
C SER E 427 30.42 -15.76 3.33
N GLN E 428 30.62 -14.56 3.89
CA GLN E 428 31.80 -14.09 4.61
C GLN E 428 32.93 -13.75 3.66
N SER E 429 32.80 -14.02 2.37
CA SER E 429 33.68 -13.46 1.36
C SER E 429 33.10 -12.21 0.71
N LYS E 430 31.81 -11.96 0.92
CA LYS E 430 31.13 -10.75 0.46
C LYS E 430 30.63 -9.88 1.60
N THR E 431 30.01 -10.48 2.62
CA THR E 431 29.56 -9.73 3.77
C THR E 431 30.73 -9.08 4.51
N PHE E 432 31.81 -9.84 4.69
CA PHE E 432 32.98 -9.30 5.37
C PHE E 432 33.58 -8.14 4.59
N ARG E 433 33.68 -8.27 3.27
CA ARG E 433 34.22 -7.19 2.45
C ARG E 433 33.36 -5.94 2.54
N VAL E 434 32.03 -6.11 2.47
CA VAL E 434 31.14 -4.96 2.55
C VAL E 434 31.26 -4.28 3.89
N ALA E 435 31.27 -5.07 4.97
CA ALA E 435 31.37 -4.51 6.32
C ALA E 435 32.69 -3.76 6.48
N VAL E 436 33.80 -4.37 6.05
CA VAL E 436 35.10 -3.76 6.27
C VAL E 436 35.25 -2.50 5.43
N VAL E 437 34.71 -2.50 4.20
CA VAL E 437 34.84 -1.31 3.36
C VAL E 437 33.97 -0.17 3.91
N VAL E 438 32.78 -0.49 4.42
CA VAL E 438 31.92 0.54 5.00
C VAL E 438 32.59 1.14 6.24
N VAL E 439 33.09 0.27 7.13
CA VAL E 439 33.73 0.76 8.35
C VAL E 439 34.99 1.55 8.02
N ALA E 440 35.76 1.09 7.04
CA ALA E 440 36.98 1.81 6.66
C ALA E 440 36.67 3.18 6.08
N VAL E 441 35.64 3.27 5.24
CA VAL E 441 35.27 4.57 4.67
C VAL E 441 34.80 5.50 5.78
N PHE E 442 33.97 5.00 6.70
CA PHE E 442 33.50 5.84 7.80
C PHE E 442 34.65 6.30 8.69
N LEU E 443 35.62 5.41 8.93
CA LEU E 443 36.73 5.72 9.82
C LEU E 443 37.86 6.47 9.14
N VAL E 444 37.82 6.62 7.82
CA VAL E 444 38.80 7.46 7.12
C VAL E 444 38.22 8.81 6.75
N CYS E 445 36.91 8.94 6.60
CA CYS E 445 36.31 10.20 6.20
C CYS E 445 35.88 11.07 7.38
N TRP E 446 35.97 10.56 8.62
CA TRP E 446 35.63 11.34 9.80
C TRP E 446 36.74 11.41 10.84
N THR E 447 37.67 10.46 10.86
CA THR E 447 38.74 10.51 11.85
C THR E 447 39.62 11.74 11.72
N PRO E 448 40.09 12.15 10.54
CA PRO E 448 40.87 13.40 10.48
C PRO E 448 40.11 14.61 10.99
N TYR E 449 38.79 14.68 10.75
CA TYR E 449 37.97 15.80 11.29
C TYR E 449 38.14 15.85 12.79
N HIS E 450 37.80 14.78 13.47
CA HIS E 450 37.82 14.83 14.92
C HIS E 450 39.24 14.98 15.47
N ILE E 451 40.22 14.35 14.82
CA ILE E 451 41.61 14.46 15.28
C ILE E 451 42.06 15.91 15.23
N PHE E 452 41.85 16.58 14.09
CA PHE E 452 42.29 17.97 13.99
C PHE E 452 41.42 18.90 14.82
N GLY E 453 40.13 18.57 15.01
CA GLY E 453 39.31 19.37 15.90
C GLY E 453 39.81 19.33 17.33
N VAL E 454 40.22 18.15 17.80
CA VAL E 454 40.79 18.04 19.13
C VAL E 454 42.16 18.72 19.19
N LEU E 455 42.96 18.56 18.14
CA LEU E 455 44.30 19.15 18.11
C LEU E 455 44.25 20.67 18.12
N SER E 456 43.21 21.26 17.54
CA SER E 456 43.08 22.71 17.55
C SER E 456 43.00 23.26 18.98
N LEU E 457 42.63 22.43 19.95
CA LEU E 457 42.63 22.87 21.34
C LEU E 457 44.04 22.87 21.92
N LEU E 458 44.74 21.73 21.82
CA LEU E 458 46.09 21.64 22.35
C LEU E 458 47.05 22.55 21.60
N THR E 459 46.93 22.61 20.28
CA THR E 459 47.80 23.45 19.46
C THR E 459 47.30 24.89 19.54
N ASP E 460 47.97 25.70 20.35
CA ASP E 460 47.57 27.09 20.50
C ASP E 460 47.84 27.85 19.21
N PRO E 461 47.04 28.88 18.91
CA PRO E 461 47.29 29.69 17.71
C PRO E 461 48.54 30.56 17.83
N GLU E 462 48.78 31.40 16.83
CA GLU E 462 49.99 32.22 16.77
C GLU E 462 51.25 31.35 16.77
N THR E 463 51.19 30.24 16.03
CA THR E 463 52.26 29.27 15.89
C THR E 463 52.12 28.68 14.50
N PRO E 464 53.21 28.53 13.74
CA PRO E 464 53.08 28.00 12.38
C PRO E 464 52.35 26.67 12.32
N LEU E 465 52.58 25.79 13.30
CA LEU E 465 51.82 24.55 13.38
C LEU E 465 50.33 24.84 13.52
N GLY E 466 49.98 25.86 14.31
CA GLY E 466 48.57 26.18 14.50
C GLY E 466 47.88 26.61 13.21
N LYS E 467 48.51 27.52 12.47
CA LYS E 467 47.88 27.98 11.22
C LYS E 467 47.88 26.89 10.16
N THR E 468 48.91 26.04 10.14
CA THR E 468 48.85 24.90 9.23
C THR E 468 47.70 23.96 9.60
N LEU E 469 47.47 23.77 10.90
CA LEU E 469 46.36 22.93 11.33
C LEU E 469 45.02 23.53 10.91
N MET E 470 44.85 24.85 11.07
CA MET E 470 43.64 25.49 10.60
C MET E 470 43.50 25.38 9.08
N SER E 471 44.60 25.47 8.35
CA SER E 471 44.55 25.33 6.90
C SER E 471 44.09 23.93 6.50
N TRP E 472 44.59 22.90 7.15
CA TRP E 472 44.17 21.53 6.85
C TRP E 472 42.79 21.21 7.44
N ASP E 473 42.29 22.04 8.34
CA ASP E 473 40.93 21.86 8.84
C ASP E 473 39.91 21.90 7.71
N HIS E 474 40.18 22.71 6.69
CA HIS E 474 39.23 22.78 5.55
C HIS E 474 39.25 21.46 4.81
N VAL E 475 40.43 20.86 4.62
CA VAL E 475 40.51 19.54 4.00
C VAL E 475 39.76 18.51 4.83
N CYS E 476 39.85 18.64 6.16
CA CYS E 476 39.11 17.74 7.05
C CYS E 476 37.60 17.90 6.86
N ILE E 477 37.13 19.14 6.72
CA ILE E 477 35.71 19.37 6.47
C ILE E 477 35.31 18.76 5.13
N ALA E 478 36.18 18.91 4.13
CA ALA E 478 35.91 18.32 2.82
C ALA E 478 35.79 16.81 2.90
N LEU E 479 36.65 16.16 3.69
CA LEU E 479 36.55 14.71 3.87
C LEU E 479 35.28 14.33 4.62
N ALA E 480 34.91 15.12 5.63
CA ALA E 480 33.69 14.84 6.37
C ALA E 480 32.47 14.90 5.46
N SER E 481 32.43 15.88 4.55
CA SER E 481 31.34 15.93 3.58
C SER E 481 31.49 14.85 2.51
N ALA E 482 32.73 14.43 2.23
CA ALA E 482 32.95 13.33 1.30
C ALA E 482 32.36 12.03 1.83
N ASN E 483 32.30 11.87 3.15
CA ASN E 483 31.62 10.69 3.68
C ASN E 483 30.14 10.69 3.29
N SER E 484 29.47 11.84 3.41
CA SER E 484 28.09 11.94 2.97
C SER E 484 27.99 11.74 1.47
N CYS E 485 29.03 12.12 0.73
CA CYS E 485 29.10 11.83 -0.70
C CYS E 485 29.10 10.32 -0.95
N PHE E 486 29.92 9.58 -0.21
CA PHE E 486 30.08 8.16 -0.46
C PHE E 486 28.90 7.34 0.07
N ASN E 487 28.20 7.83 1.09
CA ASN E 487 27.19 7.03 1.78
C ASN E 487 26.14 6.41 0.86
N PRO E 488 25.52 7.14 -0.08
CA PRO E 488 24.56 6.46 -0.97
C PRO E 488 25.20 5.37 -1.81
N PHE E 489 26.46 5.56 -2.23
CA PHE E 489 27.13 4.55 -3.03
C PHE E 489 27.34 3.27 -2.25
N LEU E 490 27.71 3.37 -0.97
CA LEU E 490 28.01 2.20 -0.17
C LEU E 490 26.80 1.64 0.57
N TYR E 491 25.66 2.32 0.56
CA TYR E 491 24.49 1.85 1.27
C TYR E 491 23.33 1.51 0.35
N ALA E 492 22.90 2.45 -0.49
CA ALA E 492 21.78 2.18 -1.38
C ALA E 492 22.16 1.19 -2.47
N LEU E 493 23.32 1.39 -3.09
CA LEU E 493 23.74 0.50 -4.17
C LEU E 493 24.01 -0.91 -3.67
N LEU E 494 24.54 -1.06 -2.45
CA LEU E 494 24.74 -2.40 -1.90
C LEU E 494 23.43 -3.16 -1.74
N GLY E 495 22.30 -2.45 -1.66
CA GLY E 495 20.99 -3.06 -1.68
C GLY E 495 20.54 -3.34 -3.09
N LYS E 496 21.05 -4.42 -3.69
CA LYS E 496 20.88 -4.77 -5.10
C LYS E 496 19.50 -4.45 -5.66
N ASP E 497 18.45 -4.63 -4.85
CA ASP E 497 17.11 -4.24 -5.28
C ASP E 497 17.05 -2.74 -5.56
N PHE E 498 17.67 -1.93 -4.70
CA PHE E 498 17.72 -0.50 -4.95
C PHE E 498 18.52 -0.18 -6.21
N ARG E 499 19.60 -0.92 -6.46
CA ARG E 499 20.35 -0.73 -7.71
C ARG E 499 19.47 -1.01 -8.91
N LYS E 500 18.71 -2.11 -8.87
CA LYS E 500 17.83 -2.44 -9.99
C LYS E 500 16.77 -1.37 -10.19
N LYS E 501 16.16 -0.91 -9.09
CA LYS E 501 15.13 0.13 -9.19
C LYS E 501 15.70 1.43 -9.76
N ALA E 502 16.88 1.83 -9.29
CA ALA E 502 17.50 3.06 -9.80
C ALA E 502 17.87 2.93 -11.27
N ARG E 503 18.41 1.76 -11.66
CA ARG E 503 18.78 1.56 -13.06
C ARG E 503 17.55 1.58 -13.96
N GLN E 504 16.45 0.97 -13.51
CA GLN E 504 15.21 1.03 -14.28
C GLN E 504 14.69 2.46 -14.37
N SER E 505 14.77 3.21 -13.26
CA SER E 505 14.33 4.61 -13.28
C SER E 505 15.24 5.46 -14.15
N ILE E 506 16.55 5.23 -14.08
CA ILE E 506 17.51 6.00 -14.87
C ILE E 506 17.73 5.35 -16.22
N SER F 1 44.79 48.13 17.65
CA SER F 1 44.11 48.29 16.37
C SER F 1 42.88 49.18 16.50
N VAL F 2 42.03 49.16 15.47
CA VAL F 2 40.83 49.98 15.49
C VAL F 2 39.85 49.49 16.56
N GLN F 3 39.43 48.22 16.46
CA GLN F 3 38.52 47.66 17.44
C GLN F 3 39.22 47.31 18.74
N LEU F 4 40.55 47.22 18.73
CA LEU F 4 41.27 46.86 19.95
C LEU F 4 41.34 48.03 20.93
N THR F 5 41.05 49.26 20.46
CA THR F 5 41.08 50.41 21.36
C THR F 5 40.02 50.28 22.44
N GLU F 6 38.80 49.86 22.07
CA GLU F 6 37.75 49.67 23.06
C GLU F 6 38.11 48.57 24.05
N LYS F 7 38.69 47.47 23.56
CA LYS F 7 39.11 46.40 24.46
C LYS F 7 40.19 46.88 25.43
N ARG F 8 41.16 47.66 24.94
CA ARG F 8 42.19 48.19 25.82
C ARG F 8 41.59 49.13 26.87
N MET F 9 40.65 49.98 26.45
CA MET F 9 40.00 50.90 27.39
C MET F 9 39.23 50.13 28.46
N ASP F 10 38.53 49.07 28.06
CA ASP F 10 37.79 48.26 29.02
C ASP F 10 38.74 47.53 29.97
N LYS F 11 39.84 46.99 29.45
CA LYS F 11 40.78 46.26 30.30
C LYS F 11 41.48 47.19 31.29
N VAL F 12 41.81 48.41 30.85
CA VAL F 12 42.48 49.35 31.74
C VAL F 12 41.58 49.72 32.91
N GLY F 13 40.30 49.98 32.64
CA GLY F 13 39.36 50.35 33.67
C GLY F 13 38.75 49.20 34.45
N LYS F 14 39.14 47.96 34.14
CA LYS F 14 38.60 46.79 34.83
C LYS F 14 39.35 46.53 36.14
N TYR F 15 39.39 47.55 36.98
CA TYR F 15 40.05 47.48 38.27
C TYR F 15 39.53 48.61 39.14
N PRO F 16 39.65 48.49 40.47
CA PRO F 16 39.24 49.60 41.34
C PRO F 16 40.35 50.64 41.50
N LYS F 17 40.07 51.68 42.29
CA LYS F 17 41.03 52.74 42.59
C LYS F 17 41.58 53.38 41.34
N GLU F 18 42.86 53.14 41.04
CA GLU F 18 43.50 53.79 39.90
C GLU F 18 43.03 53.18 38.59
N LEU F 19 43.26 51.89 38.40
CA LEU F 19 42.88 51.16 37.19
C LEU F 19 43.50 51.78 35.95
N ARG F 20 44.83 51.76 35.90
CA ARG F 20 45.58 52.30 34.78
C ARG F 20 47.01 51.78 34.86
N LYS F 21 47.82 52.18 33.88
CA LYS F 21 49.26 51.93 33.87
C LYS F 21 49.61 50.45 33.82
N CYS F 22 49.33 49.72 34.91
CA CYS F 22 49.76 48.33 35.03
C CYS F 22 49.16 47.47 33.94
N CYS F 23 47.84 47.56 33.74
CA CYS F 23 47.21 46.77 32.68
C CYS F 23 47.49 47.36 31.30
N GLU F 24 47.72 48.67 31.23
CA GLU F 24 48.07 49.28 29.95
C GLU F 24 49.38 48.74 29.41
N ASP F 25 50.37 48.54 30.30
CA ASP F 25 51.65 47.99 29.89
C ASP F 25 51.57 46.51 29.55
N GLY F 26 50.47 45.84 29.90
CA GLY F 26 50.32 44.43 29.59
C GLY F 26 48.88 43.95 29.66
N PHE F 34 55.52 36.60 24.77
CA PHE F 34 55.87 36.58 26.19
C PHE F 34 54.71 37.06 27.05
N SER F 35 54.14 36.14 27.81
CA SER F 35 53.00 36.41 28.67
C SER F 35 53.46 36.56 30.12
N CYS F 36 52.50 36.61 31.05
CA CYS F 36 52.80 36.66 32.47
C CYS F 36 53.53 35.44 33.00
N GLN F 37 53.85 34.46 32.13
CA GLN F 37 54.59 33.29 32.60
C GLN F 37 55.99 33.68 33.10
N ARG F 38 56.60 34.71 32.50
CA ARG F 38 57.92 35.14 32.91
C ARG F 38 58.07 36.66 32.99
N ARG F 39 57.04 37.43 32.69
CA ARG F 39 57.13 38.89 32.64
C ARG F 39 56.59 39.57 33.88
N THR F 40 56.29 38.83 34.94
CA THR F 40 55.74 39.40 36.16
C THR F 40 56.80 39.75 37.20
N ARG F 41 58.08 39.56 36.89
CA ARG F 41 59.13 39.80 37.88
C ARG F 41 59.17 41.25 38.32
N PHE F 42 59.55 42.15 37.41
CA PHE F 42 59.66 43.58 37.68
C PHE F 42 60.38 43.86 38.99
N ILE F 43 60.03 44.97 39.64
CA ILE F 43 60.36 45.20 41.05
C ILE F 43 59.22 44.77 41.96
N SER F 44 58.31 43.92 41.45
CA SER F 44 57.10 43.44 42.10
C SER F 44 56.04 44.54 42.16
N LEU F 45 56.43 45.78 41.85
CA LEU F 45 55.51 46.91 41.68
C LEU F 45 54.50 47.02 42.83
N GLY F 46 54.86 46.49 44.00
CA GLY F 46 53.92 46.45 45.11
C GLY F 46 52.75 45.51 44.86
N GLU F 47 51.96 45.25 45.89
CA GLU F 47 50.79 44.38 45.73
C GLU F 47 49.63 45.07 45.05
N ALA F 48 49.84 46.26 44.48
CA ALA F 48 48.74 47.03 43.92
C ALA F 48 48.16 46.37 42.68
N CYS F 49 49.01 45.94 41.74
CA CYS F 49 48.51 45.52 40.44
C CYS F 49 49.17 44.26 39.89
N LYS F 50 49.80 43.44 40.74
CA LYS F 50 50.36 42.18 40.27
C LYS F 50 49.26 41.26 39.74
N LYS F 51 48.18 41.10 40.51
CA LYS F 51 47.06 40.30 40.04
C LYS F 51 46.37 40.93 38.84
N VAL F 52 46.36 42.27 38.77
CA VAL F 52 45.77 42.95 37.61
C VAL F 52 46.54 42.61 36.35
N PHE F 53 47.88 42.67 36.41
CA PHE F 53 48.71 42.32 35.27
C PHE F 53 48.55 40.85 34.92
N LEU F 54 48.48 39.98 35.93
CA LEU F 54 48.27 38.55 35.68
C LEU F 54 46.96 38.30 34.95
N ASP F 55 45.89 39.00 35.36
CA ASP F 55 44.61 38.84 34.69
C ASP F 55 44.65 39.42 33.28
N CYS F 56 45.33 40.55 33.09
CA CYS F 56 45.36 41.20 31.78
C CYS F 56 46.13 40.40 30.74
N CYS F 57 47.19 39.68 31.15
CA CYS F 57 47.86 38.79 30.20
C CYS F 57 46.87 37.80 29.59
N ASN F 58 46.12 37.10 30.45
CA ASN F 58 45.13 36.15 29.94
C ASN F 58 44.01 36.83 29.17
N TYR F 59 43.60 38.02 29.62
CA TYR F 59 42.52 38.74 28.95
C TYR F 59 42.90 39.08 27.52
N ILE F 60 44.12 39.57 27.30
CA ILE F 60 44.53 39.88 25.94
C ILE F 60 44.83 38.60 25.15
N THR F 61 45.37 37.56 25.79
CA THR F 61 45.71 36.34 25.07
C THR F 61 44.47 35.63 24.55
N GLU F 62 43.41 35.58 25.37
CA GLU F 62 42.18 34.92 24.94
C GLU F 62 41.56 35.64 23.76
N LEU F 63 41.52 36.97 23.79
CA LEU F 63 40.97 37.73 22.68
C LEU F 63 41.79 37.53 21.42
N ARG F 64 43.13 37.54 21.55
CA ARG F 64 43.98 37.33 20.38
C ARG F 64 43.76 35.94 19.79
N ARG F 65 43.69 34.92 20.64
CA ARG F 65 43.47 33.56 20.14
C ARG F 65 42.10 33.42 19.47
N GLN F 66 41.07 34.03 20.07
CA GLN F 66 39.73 33.95 19.50
C GLN F 66 39.69 34.62 18.13
N HIS F 67 40.32 35.79 18.01
CA HIS F 67 40.38 36.46 16.71
C HIS F 67 41.16 35.62 15.70
N ALA F 68 42.28 35.02 16.13
CA ALA F 68 43.09 34.22 15.21
C ALA F 68 42.32 33.01 14.69
N ARG F 69 41.56 32.34 15.56
CA ARG F 69 40.81 31.17 15.12
C ARG F 69 39.58 31.56 14.30
N ALA F 70 38.92 32.66 14.65
CA ALA F 70 37.78 33.13 13.87
C ALA F 70 38.21 33.79 12.56
N SER F 71 39.50 34.04 12.37
CA SER F 71 39.98 34.51 11.08
C SER F 71 39.49 33.60 9.94
N HIS F 72 39.57 32.29 10.17
CA HIS F 72 39.04 31.29 9.20
C HIS F 72 38.55 30.08 9.98
N LEU F 73 37.52 30.27 10.79
CA LEU F 73 36.92 29.07 11.41
C LEU F 73 36.01 28.68 10.27
N GLY F 74 36.35 27.61 9.57
CA GLY F 74 35.59 27.41 8.35
C GLY F 74 34.27 26.67 8.45
N LEU F 75 33.22 27.35 8.88
CA LEU F 75 31.82 26.83 8.78
C LEU F 75 31.56 25.39 9.24
N ALA F 76 32.45 24.79 9.99
CA ALA F 76 32.10 23.48 10.51
C ALA F 76 32.50 23.32 11.97
N ARG F 77 33.74 23.62 12.32
CA ARG F 77 34.16 23.36 13.71
C ARG F 77 33.34 24.27 14.64
#